data_4NL4
#
_entry.id   4NL4
#
_cell.length_a   85.433
_cell.length_b   85.433
_cell.length_c   111.682
_cell.angle_alpha   90.00
_cell.angle_beta   90.00
_cell.angle_gamma   120.00
#
_symmetry.space_group_name_H-M   'P 32'
#
loop_
_entity.id
_entity.type
_entity.pdbx_description
1 polymer 'Primosome assembly protein PriA'
2 non-polymer "ADENOSINE-5'-DIPHOSPHATE"
3 non-polymer 'ZINC ION'
4 water water
#
_entity_poly.entity_id   1
_entity_poly.type   'polypeptide(L)'
_entity_poly.pdbx_seq_one_letter_code
;HHHHHHSSGLVPRGSHMSVAHVALPVPLPRTFDYLLPEGMAVKAGCRVRVPFGKQERIGIVAAVSERSELPLDELKPVAE
ALDDEPVFSTTVWRLLMWAAEYYHHPIGDVLFHALPVMLRQGKPASATPLWYWFATEQGQVVDLNGLKRSRKQQQALAAL
RQGKIWRHQVGELEFNEAALQALRGKGLAELACEAPALTDWRSAYSVAGERLRLNTEQATAVGAIHSAADRFSAWLLAGI
TGSGKTEVYLSVLENVLAQGRQALVMVPEIGLTPQTIARFRQRFNAPVEVLHSGLNDSERLSAWLKAKNGEAAIVIGTRS
SLFTPFKDLGVIVIDEEHDSSYKQQEGWRYHARDLAVWRAHSEQIPIILGSATPALETLHNVRQGKYRQLTLSKRAGNAR
PAQQHVLDLKGQPLQAGLSPALISRMRQHLQADNQVILFLNRRGFAPALLCHDCGWIAECPRCDSYYTLHQAQHHLRCHH
CDSQRPIPRQCPSCGSTHLVPVGIGTEQLEQALAPLFPEVPISRIDRDTTSRKGALEEHLAAVHRGGARILIGTQMLAKG
HHFPDVTLVSLLDVDGALFSADFRSAERFAQLYTQVSGRAGRAGKQGEVILQTHHPEHPLLQTLLYKGYDAFAEQALAER
QTMQLPPWTSHVLIRAEDHNNQQAPLFLQQLRNLLQASPLADEKLWVLGPVPALAPKRGGRWRWQILLQHPSRVRLQHIV
SGTLALINTLPEARKVKWVLDVDPIEG
;
_entity_poly.pdbx_strand_id   H
#
loop_
_chem_comp.id
_chem_comp.type
_chem_comp.name
_chem_comp.formula
ADP non-polymer ADENOSINE-5'-DIPHOSPHATE 'C10 H15 N5 O10 P2'
ZN non-polymer 'ZINC ION' 'Zn 2'
#
# COMPACT_ATOMS: atom_id res chain seq x y z
N SER A 18 -39.49 2.16 10.84
CA SER A 18 -40.39 3.15 10.14
C SER A 18 -39.60 4.07 9.21
N VAL A 19 -38.47 4.58 9.68
CA VAL A 19 -37.62 5.47 8.88
C VAL A 19 -36.18 4.95 8.83
N ALA A 20 -35.69 4.74 7.60
CA ALA A 20 -34.33 4.26 7.37
C ALA A 20 -33.43 5.40 6.90
N HIS A 21 -32.36 5.63 7.65
CA HIS A 21 -31.35 6.61 7.27
C HIS A 21 -30.31 5.90 6.41
N VAL A 22 -30.34 6.18 5.11
CA VAL A 22 -29.61 5.40 4.13
C VAL A 22 -28.38 6.15 3.61
N ALA A 23 -27.26 5.44 3.54
CA ALA A 23 -26.01 5.94 2.97
C ALA A 23 -25.87 5.52 1.51
N LEU A 24 -25.53 6.50 0.66
CA LEU A 24 -25.33 6.28 -0.78
C LEU A 24 -23.88 6.55 -1.20
N PRO A 25 -23.40 5.89 -2.26
CA PRO A 25 -22.05 6.14 -2.76
C PRO A 25 -21.95 7.49 -3.50
N VAL A 26 -22.13 8.58 -2.77
CA VAL A 26 -22.06 9.94 -3.32
C VAL A 26 -21.07 10.80 -2.54
N PRO A 27 -20.46 11.81 -3.21
CA PRO A 27 -19.40 12.62 -2.57
C PRO A 27 -19.92 13.60 -1.51
N LEU A 28 -21.04 13.27 -0.87
CA LEU A 28 -21.68 14.14 0.12
C LEU A 28 -21.72 13.50 1.51
N PRO A 29 -21.20 14.22 2.54
CA PRO A 29 -21.07 13.65 3.88
C PRO A 29 -22.37 13.64 4.69
N ARG A 30 -23.38 12.94 4.18
CA ARG A 30 -24.67 12.81 4.87
C ARG A 30 -25.46 11.54 4.48
N THR A 31 -26.57 11.32 5.16
CA THR A 31 -27.45 10.18 4.88
C THR A 31 -28.83 10.65 4.42
N PHE A 32 -29.38 9.94 3.43
CA PHE A 32 -30.69 10.26 2.86
C PHE A 32 -31.78 9.44 3.53
N ASP A 33 -32.90 10.07 3.84
CA ASP A 33 -33.99 9.40 4.54
C ASP A 33 -35.01 8.75 3.61
N TYR A 34 -35.52 7.61 4.04
CA TYR A 34 -36.53 6.84 3.30
C TYR A 34 -37.51 6.18 4.28
N LEU A 35 -38.69 5.82 3.79
CA LEU A 35 -39.70 5.16 4.62
C LEU A 35 -39.58 3.64 4.56
N LEU A 36 -39.78 2.99 5.69
CA LEU A 36 -39.77 1.54 5.78
C LEU A 36 -41.19 0.98 5.81
N PRO A 37 -41.63 0.37 4.70
CA PRO A 37 -42.97 -0.21 4.62
C PRO A 37 -43.11 -1.37 5.61
N GLU A 38 -44.31 -1.52 6.16
CA GLU A 38 -44.58 -2.54 7.16
C GLU A 38 -44.36 -3.94 6.59
N GLY A 39 -43.70 -4.81 7.36
CA GLY A 39 -43.32 -6.14 6.90
C GLY A 39 -41.84 -6.22 6.58
N MET A 40 -41.30 -5.17 5.95
CA MET A 40 -39.91 -5.14 5.52
C MET A 40 -38.94 -5.04 6.70
N ALA A 41 -38.36 -6.20 7.05
CA ALA A 41 -37.38 -6.28 8.13
C ALA A 41 -36.01 -5.88 7.59
N VAL A 42 -35.38 -4.90 8.23
CA VAL A 42 -34.06 -4.44 7.82
C VAL A 42 -33.34 -3.64 8.92
N LYS A 43 -32.23 -4.19 9.39
CA LYS A 43 -31.39 -3.52 10.38
C LYS A 43 -30.33 -2.65 9.69
N ALA A 44 -29.54 -1.96 10.51
CA ALA A 44 -28.40 -1.19 10.02
C ALA A 44 -27.32 -2.14 9.55
N GLY A 45 -26.57 -1.73 8.53
CA GLY A 45 -25.54 -2.57 7.94
C GLY A 45 -26.04 -3.43 6.80
N CYS A 46 -27.33 -3.31 6.48
CA CYS A 46 -27.93 -4.05 5.39
C CYS A 46 -28.06 -3.20 4.13
N ARG A 47 -27.97 -3.85 2.98
CA ARG A 47 -28.07 -3.16 1.69
C ARG A 47 -29.52 -3.02 1.26
N VAL A 48 -29.82 -1.89 0.63
CA VAL A 48 -31.16 -1.61 0.15
C VAL A 48 -31.14 -1.03 -1.27
N ARG A 49 -32.26 -1.20 -1.96
CA ARG A 49 -32.49 -0.59 -3.26
C ARG A 49 -33.50 0.54 -3.04
N VAL A 50 -33.08 1.77 -3.35
CA VAL A 50 -33.92 2.95 -3.11
C VAL A 50 -34.09 3.80 -4.37
N PRO A 51 -35.21 4.55 -4.47
CA PRO A 51 -35.37 5.50 -5.57
C PRO A 51 -34.55 6.76 -5.31
N PHE A 52 -33.92 7.29 -6.37
CA PHE A 52 -33.09 8.47 -6.29
C PHE A 52 -33.35 9.31 -7.54
N GLY A 53 -34.28 10.25 -7.42
CA GLY A 53 -34.77 11.00 -8.59
C GLY A 53 -35.71 10.13 -9.38
N LYS A 54 -35.46 10.00 -10.68
CA LYS A 54 -36.26 9.11 -11.53
C LYS A 54 -35.64 7.71 -11.58
N GLN A 55 -34.31 7.64 -11.49
CA GLN A 55 -33.57 6.39 -11.54
C GLN A 55 -33.55 5.65 -10.20
N GLU A 56 -32.80 4.54 -10.14
CA GLU A 56 -32.72 3.70 -8.94
C GLU A 56 -31.26 3.50 -8.49
N ARG A 57 -31.07 3.39 -7.17
CA ARG A 57 -29.72 3.32 -6.58
C ARG A 57 -29.60 2.26 -5.47
N ILE A 58 -28.39 1.74 -5.30
CA ILE A 58 -28.07 0.84 -4.20
C ILE A 58 -27.53 1.67 -3.03
N GLY A 59 -28.00 1.35 -1.83
CA GLY A 59 -27.57 2.06 -0.62
C GLY A 59 -27.40 1.13 0.56
N ILE A 60 -26.86 1.67 1.65
CA ILE A 60 -26.70 0.92 2.90
C ILE A 60 -27.42 1.66 4.05
N VAL A 61 -28.20 0.91 4.83
CA VAL A 61 -28.89 1.47 5.99
C VAL A 61 -27.88 1.75 7.09
N ALA A 62 -27.69 3.03 7.40
CA ALA A 62 -26.81 3.44 8.49
C ALA A 62 -27.53 3.35 9.83
N ALA A 63 -28.81 3.74 9.84
CA ALA A 63 -29.60 3.78 11.07
C ALA A 63 -31.08 3.58 10.79
N VAL A 64 -31.75 2.94 11.75
CA VAL A 64 -33.19 2.76 11.73
C VAL A 64 -33.83 3.45 12.95
N SER A 65 -34.68 4.44 12.70
CA SER A 65 -35.34 5.18 13.77
C SER A 65 -36.87 5.16 13.64
N GLU A 66 -37.53 5.32 14.79
CA GLU A 66 -38.98 5.48 14.84
C GLU A 66 -39.34 6.96 14.67
N ARG A 67 -38.32 7.81 14.70
CA ARG A 67 -38.46 9.27 14.69
C ARG A 67 -38.70 9.84 13.29
N SER A 68 -38.62 11.17 13.19
CA SER A 68 -38.80 11.91 11.93
C SER A 68 -37.72 12.97 11.79
N GLU A 69 -37.14 13.08 10.58
CA GLU A 69 -36.02 13.99 10.34
C GLU A 69 -36.32 15.06 9.29
N LEU A 70 -36.63 14.63 8.06
CA LEU A 70 -36.90 15.53 6.94
C LEU A 70 -38.41 15.81 6.80
N PRO A 71 -38.81 16.69 5.86
CA PRO A 71 -40.23 16.80 5.52
C PRO A 71 -40.82 15.42 5.20
N LEU A 72 -41.74 14.96 6.05
CA LEU A 72 -42.21 13.57 6.04
C LEU A 72 -42.92 13.16 4.75
N ASP A 73 -43.50 14.13 4.05
CA ASP A 73 -44.28 13.88 2.84
C ASP A 73 -43.40 13.57 1.62
N GLU A 74 -42.17 14.09 1.64
CA GLU A 74 -41.23 13.91 0.54
C GLU A 74 -40.48 12.58 0.64
N LEU A 75 -40.72 11.84 1.71
CA LEU A 75 -40.04 10.57 1.96
C LEU A 75 -40.60 9.43 1.12
N LYS A 76 -39.80 8.98 0.16
CA LYS A 76 -40.15 7.85 -0.69
C LYS A 76 -39.78 6.55 0.01
N PRO A 77 -40.57 5.48 -0.21
CA PRO A 77 -40.29 4.23 0.49
C PRO A 77 -39.08 3.48 -0.08
N VAL A 78 -38.55 2.54 0.70
CA VAL A 78 -37.48 1.66 0.25
C VAL A 78 -38.07 0.63 -0.70
N ALA A 79 -37.49 0.53 -1.90
CA ALA A 79 -37.98 -0.41 -2.92
C ALA A 79 -37.69 -1.87 -2.60
N GLU A 80 -36.50 -2.17 -2.09
CA GLU A 80 -36.12 -3.55 -1.78
C GLU A 80 -35.06 -3.65 -0.68
N ALA A 81 -35.24 -4.64 0.20
CA ALA A 81 -34.24 -4.99 1.21
C ALA A 81 -33.39 -6.14 0.68
N LEU A 82 -32.11 -5.86 0.42
CA LEU A 82 -31.23 -6.83 -0.23
C LEU A 82 -30.57 -7.83 0.72
N ASP A 83 -30.55 -7.50 2.01
CA ASP A 83 -29.89 -8.34 3.01
C ASP A 83 -30.77 -8.56 4.23
N ASP A 84 -30.81 -9.81 4.69
CA ASP A 84 -31.49 -10.16 5.93
C ASP A 84 -30.60 -9.80 7.13
N GLU A 85 -29.32 -10.14 7.02
CA GLU A 85 -28.34 -9.87 8.07
C GLU A 85 -27.34 -8.79 7.60
N PRO A 86 -26.76 -8.02 8.54
CA PRO A 86 -25.80 -6.99 8.16
C PRO A 86 -24.61 -7.54 7.37
N VAL A 87 -24.18 -6.76 6.38
CA VAL A 87 -23.10 -7.16 5.48
C VAL A 87 -21.72 -6.76 6.06
N PHE A 88 -21.73 -5.95 7.11
CA PHE A 88 -20.55 -5.67 7.93
C PHE A 88 -20.80 -6.18 9.35
N SER A 89 -19.74 -6.65 10.01
CA SER A 89 -19.83 -7.06 11.41
C SER A 89 -19.90 -5.82 12.28
N THR A 90 -20.17 -6.00 13.56
CA THR A 90 -20.27 -4.88 14.50
C THR A 90 -18.96 -4.08 14.59
N THR A 91 -17.84 -4.77 14.83
CA THR A 91 -16.55 -4.09 14.96
C THR A 91 -16.06 -3.47 13.65
N VAL A 92 -16.29 -4.17 12.53
CA VAL A 92 -15.94 -3.62 11.21
C VAL A 92 -16.79 -2.40 10.89
N TRP A 93 -18.07 -2.46 11.27
CA TRP A 93 -19.00 -1.35 11.10
C TRP A 93 -18.53 -0.14 11.90
N ARG A 94 -18.21 -0.36 13.17
CA ARG A 94 -17.67 0.70 14.04
C ARG A 94 -16.34 1.25 13.51
N LEU A 95 -15.49 0.37 12.98
CA LEU A 95 -14.23 0.78 12.34
C LEU A 95 -14.45 1.76 11.19
N LEU A 96 -15.39 1.44 10.31
CA LEU A 96 -15.67 2.28 9.15
C LEU A 96 -16.34 3.60 9.52
N MET A 97 -17.20 3.55 10.55
CA MET A 97 -17.82 4.76 11.09
C MET A 97 -16.76 5.73 11.61
N TRP A 98 -15.79 5.18 12.35
CA TRP A 98 -14.70 5.98 12.90
C TRP A 98 -13.76 6.51 11.82
N ALA A 99 -13.38 5.64 10.88
CA ALA A 99 -12.49 6.00 9.76
C ALA A 99 -13.04 7.17 8.94
N ALA A 100 -14.36 7.15 8.70
CA ALA A 100 -15.03 8.23 7.98
C ALA A 100 -14.93 9.57 8.72
N GLU A 101 -15.01 9.50 10.05
CA GLU A 101 -14.90 10.66 10.93
C GLU A 101 -13.46 11.16 11.01
N TYR A 102 -12.50 10.24 11.03
CA TYR A 102 -11.09 10.60 11.19
C TYR A 102 -10.44 11.10 9.90
N TYR A 103 -10.84 10.52 8.77
CA TYR A 103 -10.30 10.92 7.48
C TYR A 103 -11.17 11.97 6.80
N HIS A 104 -12.30 12.26 7.43
CA HIS A 104 -13.29 13.25 6.95
C HIS A 104 -13.74 12.95 5.52
N HIS A 105 -14.10 11.68 5.29
CA HIS A 105 -14.51 11.21 3.98
C HIS A 105 -15.97 10.76 4.04
N PRO A 106 -16.78 11.10 3.01
CA PRO A 106 -18.21 10.79 3.01
C PRO A 106 -18.49 9.34 3.40
N ILE A 107 -19.40 9.16 4.36
CA ILE A 107 -19.70 7.85 4.96
C ILE A 107 -20.16 6.82 3.92
N GLY A 108 -20.85 7.29 2.88
CA GLY A 108 -21.32 6.44 1.80
C GLY A 108 -20.21 5.86 0.96
N ASP A 109 -19.25 6.70 0.58
CA ASP A 109 -18.09 6.26 -0.17
C ASP A 109 -17.23 5.29 0.64
N VAL A 110 -17.01 5.64 1.91
CA VAL A 110 -16.28 4.79 2.84
C VAL A 110 -16.86 3.37 2.88
N LEU A 111 -18.16 3.29 3.13
CA LEU A 111 -18.84 2.01 3.31
C LEU A 111 -18.86 1.16 2.03
N PHE A 112 -19.12 1.82 0.90
CA PHE A 112 -19.17 1.14 -0.39
C PHE A 112 -17.80 0.69 -0.87
N HIS A 113 -16.77 1.47 -0.53
CA HIS A 113 -15.39 1.12 -0.85
C HIS A 113 -14.94 -0.16 -0.13
N ALA A 114 -15.51 -0.40 1.05
CA ALA A 114 -15.18 -1.57 1.85
C ALA A 114 -15.79 -2.88 1.31
N LEU A 115 -16.75 -2.77 0.39
CA LEU A 115 -17.45 -3.92 -0.16
C LEU A 115 -16.90 -4.36 -1.52
N PRO A 116 -17.03 -5.67 -1.84
CA PRO A 116 -16.73 -6.16 -3.19
C PRO A 116 -17.60 -5.49 -4.24
N VAL A 117 -17.09 -5.36 -5.45
CA VAL A 117 -17.83 -4.74 -6.56
C VAL A 117 -19.24 -5.30 -6.71
N MET A 118 -19.37 -6.62 -6.72
CA MET A 118 -20.67 -7.28 -6.89
C MET A 118 -21.70 -6.90 -5.83
N LEU A 119 -21.23 -6.61 -4.61
CA LEU A 119 -22.15 -6.21 -3.55
C LEU A 119 -22.50 -4.73 -3.63
N ARG A 120 -21.61 -3.94 -4.22
CA ARG A 120 -21.90 -2.52 -4.52
C ARG A 120 -23.04 -2.40 -5.52
N GLN A 121 -23.14 -3.38 -6.42
CA GLN A 121 -24.12 -3.35 -7.50
C GLN A 121 -25.49 -3.91 -7.12
N GLY A 122 -25.62 -4.38 -5.89
CA GLY A 122 -26.88 -4.88 -5.37
C GLY A 122 -27.17 -6.34 -5.68
N LYS A 123 -26.13 -7.12 -5.89
CA LYS A 123 -26.27 -8.56 -6.15
C LYS A 123 -26.29 -9.34 -4.83
N PRO A 124 -26.85 -10.57 -4.83
CA PRO A 124 -26.96 -11.27 -3.55
C PRO A 124 -25.61 -11.57 -2.91
N ALA A 125 -25.57 -11.50 -1.58
CA ALA A 125 -24.39 -11.85 -0.81
C ALA A 125 -24.34 -13.36 -0.60
N SER A 126 -24.19 -14.09 -1.71
CA SER A 126 -24.18 -15.55 -1.71
C SER A 126 -23.34 -16.06 -2.87
N ALA A 127 -22.78 -17.25 -2.72
CA ALA A 127 -21.85 -17.81 -3.70
C ALA A 127 -22.58 -18.24 -4.97
N THR A 128 -22.17 -17.64 -6.09
CA THR A 128 -22.75 -18.00 -7.39
C THR A 128 -22.30 -19.41 -7.77
N PRO A 129 -23.24 -20.25 -8.24
CA PRO A 129 -22.88 -21.61 -8.63
C PRO A 129 -22.07 -21.58 -9.92
N LEU A 130 -21.01 -22.38 -9.98
CA LEU A 130 -20.20 -22.49 -11.19
C LEU A 130 -20.54 -23.78 -11.93
N TRP A 131 -20.88 -23.63 -13.20
CA TRP A 131 -21.32 -24.76 -14.03
C TRP A 131 -20.22 -25.29 -14.95
N TYR A 132 -20.28 -26.58 -15.23
CA TYR A 132 -19.33 -27.21 -16.15
C TYR A 132 -20.03 -28.09 -17.18
N TRP A 133 -19.39 -28.22 -18.34
CA TRP A 133 -19.78 -29.22 -19.31
C TRP A 133 -19.07 -30.54 -18.98
N PHE A 134 -19.79 -31.64 -19.10
CA PHE A 134 -19.22 -32.97 -18.93
C PHE A 134 -19.80 -33.92 -19.96
N ALA A 135 -19.03 -34.93 -20.36
CA ALA A 135 -19.49 -35.93 -21.31
C ALA A 135 -20.48 -36.89 -20.64
N THR A 136 -21.61 -37.12 -21.31
CA THR A 136 -22.64 -38.02 -20.81
C THR A 136 -22.18 -39.48 -20.89
N GLU A 137 -23.03 -40.40 -20.45
CA GLU A 137 -22.74 -41.83 -20.50
C GLU A 137 -22.52 -42.30 -21.95
N GLN A 138 -23.30 -41.76 -22.88
CA GLN A 138 -23.17 -42.10 -24.29
C GLN A 138 -21.93 -41.44 -24.90
N GLY A 139 -21.72 -40.16 -24.58
CA GLY A 139 -20.58 -39.39 -25.10
C GLY A 139 -19.22 -39.99 -24.81
N GLN A 140 -19.14 -40.82 -23.77
CA GLN A 140 -17.90 -41.47 -23.35
C GLN A 140 -17.55 -42.67 -24.23
N VAL A 141 -18.55 -43.26 -24.89
CA VAL A 141 -18.35 -44.52 -25.64
C VAL A 141 -18.64 -44.47 -27.14
N VAL A 142 -19.33 -43.42 -27.59
CA VAL A 142 -19.76 -43.27 -29.00
C VAL A 142 -18.62 -43.44 -30.01
N ASP A 143 -18.94 -44.02 -31.17
CA ASP A 143 -18.01 -44.08 -32.29
C ASP A 143 -17.60 -42.68 -32.74
N LEU A 144 -16.31 -42.40 -32.60
CA LEU A 144 -15.70 -41.16 -33.05
C LEU A 144 -15.58 -41.14 -34.58
N ASN A 145 -16.61 -41.66 -35.24
CA ASN A 145 -16.65 -41.74 -36.70
C ASN A 145 -17.75 -40.83 -37.26
N GLY A 146 -18.59 -40.31 -36.38
CA GLY A 146 -19.71 -39.47 -36.77
C GLY A 146 -19.35 -38.00 -36.78
N LEU A 147 -18.92 -37.49 -35.63
CA LEU A 147 -18.57 -36.07 -35.47
C LEU A 147 -17.40 -35.65 -36.36
N LYS A 148 -16.81 -36.63 -37.06
CA LYS A 148 -15.72 -36.39 -38.01
C LYS A 148 -16.21 -35.60 -39.24
N ARG A 149 -17.39 -34.99 -39.12
CA ARG A 149 -17.94 -34.17 -40.18
C ARG A 149 -18.77 -33.01 -39.60
N SER A 150 -18.60 -32.75 -38.31
CA SER A 150 -19.38 -31.72 -37.61
C SER A 150 -18.55 -30.54 -37.06
N ARG A 151 -17.29 -30.43 -37.53
CA ARG A 151 -16.45 -29.22 -37.39
C ARG A 151 -15.69 -29.02 -36.07
N LYS A 152 -16.42 -28.71 -34.98
CA LYS A 152 -15.81 -28.41 -33.69
C LYS A 152 -16.24 -29.39 -32.61
N GLN A 153 -17.34 -30.08 -32.88
CA GLN A 153 -17.99 -30.96 -31.90
C GLN A 153 -17.15 -32.17 -31.50
N GLN A 154 -16.34 -32.68 -32.43
CA GLN A 154 -15.45 -33.79 -32.12
C GLN A 154 -14.29 -33.33 -31.24
N GLN A 155 -13.82 -32.11 -31.48
CA GLN A 155 -12.77 -31.50 -30.66
C GLN A 155 -13.32 -31.18 -29.29
N ALA A 156 -14.57 -30.71 -29.26
CA ALA A 156 -15.28 -30.42 -28.01
C ALA A 156 -15.50 -31.67 -27.17
N LEU A 157 -15.88 -32.77 -27.81
CA LEU A 157 -16.12 -34.03 -27.09
C LEU A 157 -14.82 -34.71 -26.66
N ALA A 158 -13.81 -34.67 -27.52
CA ALA A 158 -12.49 -35.25 -27.22
C ALA A 158 -11.91 -34.63 -25.94
N ALA A 159 -12.07 -33.32 -25.80
CA ALA A 159 -11.69 -32.63 -24.58
C ALA A 159 -12.53 -33.10 -23.39
N LEU A 160 -13.83 -33.28 -23.63
CA LEU A 160 -14.77 -33.72 -22.60
C LEU A 160 -14.50 -35.14 -22.10
N ARG A 161 -13.90 -35.96 -22.98
CA ARG A 161 -13.54 -37.34 -22.64
C ARG A 161 -12.53 -37.40 -21.48
N GLN A 162 -11.70 -36.36 -21.38
CA GLN A 162 -10.60 -36.32 -20.42
C GLN A 162 -11.03 -35.80 -19.05
N GLY A 163 -11.96 -34.86 -19.04
CA GLY A 163 -12.45 -34.25 -17.82
C GLY A 163 -13.42 -33.12 -18.09
N LYS A 164 -14.03 -32.61 -17.02
CA LYS A 164 -15.01 -31.52 -17.11
C LYS A 164 -14.40 -30.21 -17.63
N ILE A 165 -15.25 -29.36 -18.20
CA ILE A 165 -14.83 -28.05 -18.68
C ILE A 165 -15.74 -26.96 -18.12
N TRP A 166 -15.15 -26.04 -17.36
CA TRP A 166 -15.86 -24.89 -16.81
C TRP A 166 -16.34 -23.98 -17.93
N ARG A 167 -17.51 -23.37 -17.73
CA ARG A 167 -18.08 -22.44 -18.70
C ARG A 167 -17.24 -21.18 -18.86
N HIS A 168 -16.68 -20.68 -17.75
CA HIS A 168 -15.83 -19.49 -17.77
C HIS A 168 -14.43 -19.76 -18.32
N GLN A 169 -14.27 -20.86 -19.04
CA GLN A 169 -12.99 -21.24 -19.63
C GLN A 169 -13.10 -21.61 -21.09
N VAL A 170 -14.33 -21.72 -21.58
CA VAL A 170 -14.62 -22.04 -22.98
C VAL A 170 -14.03 -20.98 -23.92
N GLY A 171 -14.04 -19.73 -23.48
CA GLY A 171 -13.47 -18.61 -24.24
C GLY A 171 -11.96 -18.70 -24.45
N GLU A 172 -11.30 -19.53 -23.64
CA GLU A 172 -9.86 -19.78 -23.76
C GLU A 172 -9.57 -20.92 -24.74
N LEU A 173 -10.63 -21.60 -25.16
CA LEU A 173 -10.52 -22.75 -26.07
C LEU A 173 -10.88 -22.34 -27.51
N GLU A 174 -10.90 -23.32 -28.40
CA GLU A 174 -11.14 -23.05 -29.82
C GLU A 174 -12.55 -23.43 -30.30
N PHE A 175 -13.20 -24.28 -29.52
CA PHE A 175 -14.62 -24.58 -29.72
C PHE A 175 -15.44 -23.77 -28.72
N ASN A 176 -16.64 -23.38 -29.14
CA ASN A 176 -17.47 -22.47 -28.34
C ASN A 176 -18.71 -23.13 -27.72
N GLU A 177 -19.54 -22.30 -27.08
CA GLU A 177 -20.80 -22.74 -26.48
C GLU A 177 -21.76 -23.31 -27.52
N ALA A 178 -21.70 -22.77 -28.74
CA ALA A 178 -22.49 -23.27 -29.87
C ALA A 178 -22.15 -24.71 -30.21
N ALA A 179 -20.86 -25.04 -30.11
CA ALA A 179 -20.38 -26.39 -30.37
C ALA A 179 -20.73 -27.34 -29.22
N LEU A 180 -20.82 -26.80 -28.01
CA LEU A 180 -21.16 -27.58 -26.81
C LEU A 180 -22.66 -27.80 -26.64
N GLN A 181 -23.45 -26.77 -26.95
CA GLN A 181 -24.91 -26.85 -26.87
C GLN A 181 -25.51 -27.71 -27.98
N ALA A 182 -24.72 -27.91 -29.05
CA ALA A 182 -25.08 -28.82 -30.13
C ALA A 182 -24.84 -30.27 -29.72
N LEU A 183 -23.81 -30.49 -28.90
CA LEU A 183 -23.54 -31.80 -28.33
C LEU A 183 -24.56 -32.15 -27.25
N ARG A 184 -25.07 -31.11 -26.60
CA ARG A 184 -26.13 -31.22 -25.60
C ARG A 184 -27.42 -31.77 -26.23
N GLY A 185 -27.78 -31.21 -27.40
CA GLY A 185 -28.96 -31.64 -28.14
C GLY A 185 -28.87 -33.06 -28.66
N LYS A 186 -27.65 -33.54 -28.88
CA LYS A 186 -27.42 -34.93 -29.30
C LYS A 186 -27.24 -35.84 -28.08
N GLY A 187 -27.39 -35.29 -26.89
CA GLY A 187 -27.31 -36.04 -25.63
C GLY A 187 -25.91 -36.50 -25.28
N LEU A 188 -24.90 -35.84 -25.85
CA LEU A 188 -23.50 -36.25 -25.66
C LEU A 188 -22.78 -35.38 -24.64
N ALA A 189 -23.28 -34.17 -24.41
CA ALA A 189 -22.78 -33.27 -23.38
C ALA A 189 -23.91 -32.75 -22.51
N GLU A 190 -23.64 -32.57 -21.23
CA GLU A 190 -24.63 -32.02 -20.30
C GLU A 190 -23.99 -30.99 -19.36
N LEU A 191 -24.82 -30.20 -18.71
CA LEU A 191 -24.36 -29.20 -17.74
C LEU A 191 -24.69 -29.60 -16.30
N ALA A 192 -23.73 -29.39 -15.41
CA ALA A 192 -23.90 -29.64 -13.98
C ALA A 192 -23.04 -28.67 -13.17
N CYS A 193 -23.37 -28.52 -11.88
CA CYS A 193 -22.56 -27.75 -10.96
C CYS A 193 -22.35 -28.52 -9.65
N GLU A 194 -21.46 -28.03 -8.79
CA GLU A 194 -21.12 -28.73 -7.55
C GLU A 194 -21.38 -27.89 -6.29
N ALA A 195 -21.32 -28.54 -5.13
CA ALA A 195 -21.61 -27.90 -3.84
C ALA A 195 -20.64 -26.78 -3.49
N THR A 199 -15.48 -29.58 3.70
CA THR A 199 -15.58 -28.13 3.80
C THR A 199 -15.35 -27.64 5.24
N ASP A 200 -15.08 -28.57 6.15
CA ASP A 200 -14.70 -28.24 7.53
C ASP A 200 -13.26 -28.66 7.81
N TRP A 201 -12.37 -27.67 7.80
CA TRP A 201 -10.93 -27.90 7.96
C TRP A 201 -10.51 -28.07 9.42
N ARG A 202 -11.32 -27.53 10.33
CA ARG A 202 -11.01 -27.53 11.76
C ARG A 202 -10.91 -28.95 12.30
N SER A 203 -11.84 -29.80 11.91
CA SER A 203 -11.70 -31.24 12.10
C SER A 203 -10.69 -31.74 11.07
N ALA A 204 -9.79 -32.61 11.51
CA ALA A 204 -8.68 -33.11 10.69
C ALA A 204 -7.58 -32.07 10.41
N TYR A 205 -7.65 -30.92 11.09
CA TYR A 205 -6.53 -29.98 11.08
C TYR A 205 -5.46 -30.49 12.03
N SER A 206 -4.30 -30.82 11.47
CA SER A 206 -3.18 -31.28 12.28
C SER A 206 -2.27 -30.09 12.57
N VAL A 207 -2.07 -29.80 13.86
CA VAL A 207 -1.26 -28.67 14.32
C VAL A 207 0.21 -28.85 13.92
N ALA A 208 0.45 -29.84 13.07
CA ALA A 208 1.80 -30.32 12.74
C ALA A 208 2.45 -30.93 13.97
N GLY A 209 3.55 -31.65 13.77
CA GLY A 209 4.25 -32.29 14.87
C GLY A 209 5.39 -31.42 15.33
N GLU A 210 5.77 -31.59 16.59
CA GLU A 210 7.04 -31.06 17.03
C GLU A 210 8.00 -31.39 15.84
N ARG A 211 8.56 -30.29 15.31
CA ARG A 211 9.49 -30.33 14.18
C ARG A 211 10.64 -29.35 14.43
N LEU A 212 10.40 -28.38 15.33
CA LEU A 212 11.45 -27.62 16.04
C LEU A 212 12.44 -26.80 15.21
N ARG A 213 11.90 -25.94 14.36
CA ARG A 213 12.70 -25.02 13.55
C ARG A 213 13.25 -23.85 14.38
N LEU A 214 12.36 -23.19 15.12
CA LEU A 214 12.63 -21.91 15.79
C LEU A 214 13.88 -21.92 16.69
N ASN A 215 14.67 -20.85 16.59
CA ASN A 215 15.78 -20.63 17.51
C ASN A 215 15.31 -19.96 18.80
N THR A 216 16.26 -19.52 19.64
CA THR A 216 15.93 -18.93 20.94
C THR A 216 15.04 -17.69 20.79
N GLU A 217 15.52 -16.67 20.08
CA GLU A 217 14.81 -15.42 19.91
C GLU A 217 13.44 -15.60 19.25
N GLN A 218 13.40 -16.44 18.21
CA GLN A 218 12.17 -16.75 17.48
C GLN A 218 11.11 -17.36 18.39
N ALA A 219 11.52 -18.31 19.23
CA ALA A 219 10.61 -19.00 20.14
C ALA A 219 10.05 -18.06 21.21
N THR A 220 10.91 -17.20 21.75
CA THR A 220 10.51 -16.19 22.73
C THR A 220 9.44 -15.27 22.15
N ALA A 221 9.66 -14.82 20.91
CA ALA A 221 8.71 -13.98 20.21
C ALA A 221 7.35 -14.68 20.05
N VAL A 222 7.37 -15.92 19.57
CA VAL A 222 6.15 -16.73 19.45
C VAL A 222 5.46 -16.89 20.82
N GLY A 223 6.25 -17.24 21.83
CA GLY A 223 5.72 -17.44 23.18
C GLY A 223 5.05 -16.20 23.75
N ALA A 224 5.71 -15.05 23.60
CA ALA A 224 5.20 -13.77 24.09
C ALA A 224 3.85 -13.42 23.45
N ILE A 225 3.75 -13.60 22.13
CA ILE A 225 2.50 -13.37 21.40
C ILE A 225 1.42 -14.37 21.82
N HIS A 226 1.83 -15.62 22.03
CA HIS A 226 0.90 -16.69 22.43
C HIS A 226 0.35 -16.45 23.84
N SER A 227 1.19 -15.93 24.73
CA SER A 227 0.82 -15.72 26.12
C SER A 227 -0.14 -14.55 26.33
N ALA A 228 -0.35 -13.76 25.29
CA ALA A 228 -1.26 -12.61 25.34
C ALA A 228 -2.28 -12.68 24.19
N ALA A 229 -2.48 -13.89 23.66
CA ALA A 229 -3.31 -14.11 22.47
C ALA A 229 -4.81 -13.87 22.65
N ASP A 230 -5.28 -13.82 23.90
CA ASP A 230 -6.70 -13.64 24.18
CA ASP A 230 -6.70 -13.65 24.20
C ASP A 230 -7.09 -12.18 24.44
N ARG A 231 -6.25 -11.25 23.97
CA ARG A 231 -6.52 -9.81 24.08
C ARG A 231 -5.80 -9.01 22.99
N PHE A 232 -6.06 -7.71 22.93
CA PHE A 232 -5.33 -6.82 22.03
C PHE A 232 -3.92 -6.60 22.53
N SER A 233 -2.98 -6.57 21.58
CA SER A 233 -1.59 -6.27 21.83
C SER A 233 -0.96 -6.02 20.46
N ALA A 234 -0.38 -4.84 20.29
CA ALA A 234 0.30 -4.49 19.04
C ALA A 234 1.79 -4.75 19.15
N TRP A 235 2.27 -5.73 18.39
CA TRP A 235 3.68 -6.12 18.43
C TRP A 235 4.44 -5.61 17.21
N LEU A 236 5.62 -5.05 17.43
CA LEU A 236 6.57 -4.84 16.35
C LEU A 236 7.55 -6.00 16.36
N LEU A 237 7.56 -6.77 15.28
CA LEU A 237 8.60 -7.77 15.07
C LEU A 237 9.72 -7.10 14.29
N ALA A 238 10.77 -6.73 15.00
CA ALA A 238 11.90 -6.02 14.39
C ALA A 238 13.08 -6.96 14.24
N GLY A 239 13.39 -7.30 13.01
CA GLY A 239 14.54 -8.15 12.71
C GLY A 239 15.08 -7.88 11.33
N ILE A 240 16.40 -7.98 11.19
CA ILE A 240 17.08 -7.81 9.91
C ILE A 240 16.61 -8.87 8.90
N THR A 241 16.96 -8.67 7.63
CA THR A 241 16.57 -9.61 6.57
C THR A 241 17.28 -10.95 6.76
N GLY A 242 16.50 -12.03 6.82
CA GLY A 242 17.03 -13.37 7.00
C GLY A 242 16.91 -13.89 8.42
N SER A 243 16.52 -13.02 9.34
CA SER A 243 16.37 -13.39 10.77
C SER A 243 15.21 -14.34 11.02
N GLY A 244 14.29 -14.44 10.06
CA GLY A 244 13.19 -15.39 10.13
C GLY A 244 11.90 -14.81 10.70
N LYS A 245 11.59 -13.58 10.31
CA LYS A 245 10.33 -12.96 10.70
C LYS A 245 9.13 -13.78 10.22
N THR A 246 9.17 -14.19 8.95
CA THR A 246 8.10 -14.98 8.34
C THR A 246 7.85 -16.28 9.11
N GLU A 247 8.93 -16.86 9.63
CA GLU A 247 8.87 -18.11 10.38
C GLU A 247 8.08 -17.93 11.67
N VAL A 248 8.21 -16.75 12.29
CA VAL A 248 7.39 -16.40 13.46
C VAL A 248 5.93 -16.25 13.05
N TYR A 249 5.66 -15.53 11.96
CA TYR A 249 4.29 -15.40 11.46
C TYR A 249 3.64 -16.78 11.33
N LEU A 250 4.38 -17.70 10.71
CA LEU A 250 3.88 -19.04 10.44
C LEU A 250 3.56 -19.82 11.72
N SER A 251 4.43 -19.69 12.72
CA SER A 251 4.22 -20.35 14.01
C SER A 251 3.07 -19.73 14.79
N VAL A 252 3.01 -18.40 14.82
CA VAL A 252 1.92 -17.70 15.48
C VAL A 252 0.59 -18.16 14.88
N LEU A 253 0.53 -18.19 13.55
CA LEU A 253 -0.65 -18.62 12.82
C LEU A 253 -1.08 -20.05 13.15
N GLU A 254 -0.12 -20.95 13.31
CA GLU A 254 -0.41 -22.32 13.70
C GLU A 254 -1.19 -22.38 15.02
N ASN A 255 -0.71 -21.64 16.02
CA ASN A 255 -1.40 -21.52 17.30
C ASN A 255 -2.82 -20.96 17.17
N VAL A 256 -2.96 -19.90 16.36
CA VAL A 256 -4.25 -19.27 16.14
C VAL A 256 -5.21 -20.24 15.45
N LEU A 257 -4.72 -20.91 14.41
CA LEU A 257 -5.48 -21.93 13.69
C LEU A 257 -5.76 -23.18 14.57
N ALA A 258 -4.89 -23.42 15.55
CA ALA A 258 -5.09 -24.50 16.53
C ALA A 258 -6.28 -24.21 17.43
N GLN A 259 -6.57 -22.92 17.64
CA GLN A 259 -7.76 -22.48 18.36
C GLN A 259 -9.00 -22.47 17.45
N GLY A 260 -8.80 -22.82 16.19
CA GLY A 260 -9.89 -22.80 15.21
C GLY A 260 -10.30 -21.38 14.88
N ARG A 261 -9.33 -20.46 14.91
CA ARG A 261 -9.57 -19.07 14.59
C ARG A 261 -8.90 -18.72 13.26
N GLN A 262 -9.36 -17.64 12.64
CA GLN A 262 -8.86 -17.22 11.34
C GLN A 262 -7.71 -16.22 11.46
N ALA A 263 -6.98 -16.02 10.36
CA ALA A 263 -5.87 -15.07 10.33
C ALA A 263 -5.84 -14.20 9.06
N LEU A 264 -5.50 -12.93 9.21
CA LEU A 264 -5.26 -12.06 8.06
C LEU A 264 -3.78 -11.72 7.95
N VAL A 265 -3.21 -11.95 6.76
CA VAL A 265 -1.82 -11.61 6.48
C VAL A 265 -1.78 -10.56 5.39
N MET A 266 -1.24 -9.38 5.74
CA MET A 266 -1.11 -8.29 4.78
C MET A 266 0.34 -8.13 4.34
N VAL A 267 0.51 -8.00 3.02
CA VAL A 267 1.83 -7.83 2.39
C VAL A 267 1.75 -6.60 1.49
N PRO A 268 2.91 -6.00 1.14
CA PRO A 268 2.87 -4.90 0.16
C PRO A 268 2.34 -5.35 -1.19
N GLU A 269 1.88 -4.40 -1.99
CA GLU A 269 1.31 -4.66 -3.32
C GLU A 269 2.13 -5.61 -4.17
N ILE A 270 3.46 -5.51 -4.06
CA ILE A 270 4.38 -6.33 -4.85
C ILE A 270 4.86 -7.58 -4.11
N GLY A 271 4.29 -7.83 -2.92
CA GLY A 271 4.72 -8.93 -2.06
C GLY A 271 4.11 -10.30 -2.31
N LEU A 272 2.98 -10.32 -3.02
CA LEU A 272 2.28 -11.58 -3.33
C LEU A 272 2.95 -12.37 -4.44
N THR A 273 4.08 -12.98 -4.12
CA THR A 273 4.86 -13.72 -5.11
C THR A 273 4.46 -15.20 -5.09
N PRO A 274 4.68 -15.93 -6.20
CA PRO A 274 4.35 -17.35 -6.19
C PRO A 274 5.09 -18.10 -5.07
N GLN A 275 6.34 -17.70 -4.79
CA GLN A 275 7.15 -18.31 -3.74
C GLN A 275 6.57 -18.11 -2.33
N THR A 276 6.14 -16.88 -2.04
CA THR A 276 5.46 -16.56 -0.78
C THR A 276 4.15 -17.32 -0.65
N ILE A 277 3.35 -17.36 -1.72
CA ILE A 277 2.08 -18.08 -1.71
C ILE A 277 2.33 -19.57 -1.46
N ALA A 278 3.23 -20.17 -2.22
CA ALA A 278 3.59 -21.57 -2.07
C ALA A 278 4.06 -21.90 -0.65
N ARG A 279 4.79 -20.96 -0.05
CA ARG A 279 5.30 -21.13 1.31
C ARG A 279 4.16 -21.29 2.33
N PHE A 280 3.16 -20.42 2.24
CA PHE A 280 1.99 -20.49 3.11
C PHE A 280 1.13 -21.72 2.79
N ARG A 281 0.91 -21.99 1.52
CA ARG A 281 0.08 -23.12 1.09
C ARG A 281 0.61 -24.47 1.57
N GLN A 282 1.92 -24.65 1.55
CA GLN A 282 2.53 -25.93 1.91
C GLN A 282 2.59 -26.15 3.42
N ARG A 283 2.72 -25.08 4.19
CA ARG A 283 2.82 -25.17 5.64
C ARG A 283 1.50 -25.56 6.31
N PHE A 284 0.38 -25.09 5.77
CA PHE A 284 -0.91 -25.28 6.43
C PHE A 284 -1.83 -26.29 5.75
N ASN A 285 -2.20 -27.32 6.50
CA ASN A 285 -3.25 -28.22 6.07
C ASN A 285 -4.60 -27.59 6.40
N ALA A 286 -4.87 -26.46 5.74
CA ALA A 286 -6.05 -25.63 5.97
C ALA A 286 -6.16 -24.62 4.83
N PRO A 287 -7.39 -24.17 4.48
CA PRO A 287 -7.58 -23.32 3.30
C PRO A 287 -6.94 -21.96 3.42
N VAL A 288 -6.20 -21.57 2.39
CA VAL A 288 -5.55 -20.26 2.29
C VAL A 288 -6.16 -19.50 1.11
N GLU A 289 -6.66 -18.31 1.38
CA GLU A 289 -7.30 -17.49 0.34
C GLU A 289 -6.40 -16.29 0.00
N VAL A 290 -6.04 -16.17 -1.27
CA VAL A 290 -5.09 -15.14 -1.72
C VAL A 290 -5.78 -14.06 -2.56
N LEU A 291 -5.79 -12.82 -2.06
CA LEU A 291 -6.46 -11.72 -2.75
C LEU A 291 -5.49 -10.94 -3.62
N HIS A 292 -5.13 -11.53 -4.76
CA HIS A 292 -4.21 -10.86 -5.70
C HIS A 292 -4.97 -10.04 -6.75
N SER A 293 -4.23 -9.18 -7.44
CA SER A 293 -4.81 -8.20 -8.36
C SER A 293 -5.44 -8.78 -9.63
N GLY A 294 -5.16 -10.06 -9.91
CA GLY A 294 -5.68 -10.72 -11.10
C GLY A 294 -7.06 -11.34 -10.94
N LEU A 295 -7.60 -11.36 -9.72
CA LEU A 295 -8.93 -11.91 -9.47
C LEU A 295 -10.05 -11.05 -10.07
N ASN A 296 -11.06 -11.72 -10.64
CA ASN A 296 -12.27 -11.04 -11.09
C ASN A 296 -13.26 -10.85 -9.95
N ASP A 297 -14.37 -10.17 -10.23
CA ASP A 297 -15.37 -9.84 -9.21
C ASP A 297 -15.98 -11.07 -8.51
N SER A 298 -16.32 -12.09 -9.30
CA SER A 298 -16.86 -13.34 -8.74
C SER A 298 -15.89 -13.96 -7.77
N GLU A 299 -14.63 -14.09 -8.19
CA GLU A 299 -13.57 -14.66 -7.36
C GLU A 299 -13.37 -13.85 -6.06
N ARG A 300 -13.40 -12.52 -6.17
CA ARG A 300 -13.29 -11.65 -5.00
C ARG A 300 -14.45 -11.80 -4.03
N LEU A 301 -15.68 -11.91 -4.56
CA LEU A 301 -16.86 -12.15 -3.74
C LEU A 301 -16.80 -13.51 -3.06
N SER A 302 -16.42 -14.53 -3.83
CA SER A 302 -16.26 -15.89 -3.33
C SER A 302 -15.28 -15.91 -2.15
N ALA A 303 -14.16 -15.23 -2.29
CA ALA A 303 -13.16 -15.11 -1.22
C ALA A 303 -13.73 -14.39 0.00
N TRP A 304 -14.48 -13.32 -0.25
CA TRP A 304 -15.15 -12.53 0.77
C TRP A 304 -16.11 -13.40 1.59
N LEU A 305 -16.87 -14.25 0.91
CA LEU A 305 -17.81 -15.17 1.56
C LEU A 305 -17.12 -16.31 2.32
N LYS A 306 -16.08 -16.89 1.72
CA LYS A 306 -15.30 -17.94 2.37
C LYS A 306 -14.71 -17.47 3.71
N ALA A 307 -14.30 -16.21 3.75
CA ALA A 307 -13.76 -15.61 4.96
C ALA A 307 -14.86 -15.32 5.98
N LYS A 308 -15.98 -14.75 5.50
CA LYS A 308 -17.11 -14.40 6.35
C LYS A 308 -17.72 -15.62 7.01
N ASN A 309 -17.81 -16.72 6.26
CA ASN A 309 -18.38 -17.97 6.77
C ASN A 309 -17.39 -18.84 7.56
N GLY A 310 -16.14 -18.40 7.65
CA GLY A 310 -15.12 -19.11 8.43
C GLY A 310 -14.47 -20.27 7.72
N GLU A 311 -14.74 -20.41 6.42
CA GLU A 311 -14.20 -21.50 5.64
C GLU A 311 -12.75 -21.27 5.21
N ALA A 312 -12.33 -20.02 5.16
CA ALA A 312 -10.92 -19.69 4.88
C ALA A 312 -10.17 -19.47 6.19
N ALA A 313 -9.17 -20.31 6.44
CA ALA A 313 -8.38 -20.24 7.67
C ALA A 313 -7.49 -19.01 7.66
N ILE A 314 -6.86 -18.76 6.51
CA ILE A 314 -5.96 -17.63 6.36
C ILE A 314 -6.33 -16.85 5.10
N VAL A 315 -6.39 -15.53 5.22
CA VAL A 315 -6.53 -14.66 4.06
C VAL A 315 -5.23 -13.89 3.90
N ILE A 316 -4.64 -13.94 2.70
CA ILE A 316 -3.47 -13.13 2.38
C ILE A 316 -3.86 -12.11 1.32
N GLY A 317 -3.56 -10.85 1.59
CA GLY A 317 -3.85 -9.81 0.63
C GLY A 317 -3.01 -8.58 0.84
N THR A 318 -3.40 -7.52 0.13
CA THR A 318 -2.68 -6.26 0.19
C THR A 318 -3.55 -5.25 0.92
N ARG A 319 -3.24 -3.97 0.77
CA ARG A 319 -3.91 -2.88 1.51
C ARG A 319 -5.42 -3.07 1.75
N SER A 320 -6.18 -3.46 0.72
CA SER A 320 -7.64 -3.57 0.84
C SER A 320 -8.12 -4.81 1.61
N SER A 321 -7.27 -5.82 1.73
CA SER A 321 -7.61 -7.04 2.46
C SER A 321 -7.99 -6.73 3.92
N LEU A 322 -7.74 -5.50 4.34
CA LEU A 322 -8.09 -5.06 5.68
C LEU A 322 -9.60 -5.11 5.93
N PHE A 323 -10.39 -4.90 4.87
CA PHE A 323 -11.85 -4.86 4.98
C PHE A 323 -12.56 -6.21 4.93
N THR A 324 -11.81 -7.30 4.77
CA THR A 324 -12.45 -8.62 4.66
C THR A 324 -13.10 -9.07 5.97
N PRO A 325 -14.33 -9.61 5.89
CA PRO A 325 -15.04 -10.08 7.07
C PRO A 325 -14.48 -11.42 7.56
N PHE A 326 -14.61 -11.68 8.85
CA PHE A 326 -14.16 -12.95 9.42
C PHE A 326 -15.18 -13.42 10.44
N LYS A 327 -15.49 -14.72 10.41
CA LYS A 327 -16.33 -15.30 11.44
C LYS A 327 -15.64 -15.22 12.79
N ASP A 328 -14.33 -15.49 12.80
CA ASP A 328 -13.54 -15.45 14.03
C ASP A 328 -12.08 -15.11 13.76
N LEU A 329 -11.79 -13.82 13.60
CA LEU A 329 -10.41 -13.38 13.33
C LEU A 329 -9.60 -13.44 14.62
N GLY A 330 -8.46 -14.13 14.55
CA GLY A 330 -7.62 -14.36 15.73
C GLY A 330 -6.30 -13.62 15.77
N VAL A 331 -5.80 -13.22 14.60
CA VAL A 331 -4.55 -12.44 14.51
C VAL A 331 -4.47 -11.66 13.19
N ILE A 332 -3.79 -10.51 13.23
CA ILE A 332 -3.44 -9.76 12.03
C ILE A 332 -1.92 -9.62 11.94
N VAL A 333 -1.38 -9.95 10.78
CA VAL A 333 0.03 -9.75 10.50
C VAL A 333 0.15 -8.75 9.35
N ILE A 334 0.97 -7.72 9.55
CA ILE A 334 1.33 -6.80 8.47
C ILE A 334 2.83 -6.92 8.21
N ASP A 335 3.17 -7.47 7.06
CA ASP A 335 4.57 -7.63 6.66
C ASP A 335 5.04 -6.36 5.97
N GLU A 336 6.33 -6.03 6.15
CA GLU A 336 6.92 -4.84 5.56
C GLU A 336 6.09 -3.61 5.98
N GLU A 337 5.81 -3.58 7.27
CA GLU A 337 5.01 -2.56 7.94
C GLU A 337 5.24 -1.12 7.47
N HIS A 338 6.47 -0.83 7.05
CA HIS A 338 6.89 0.52 6.65
C HIS A 338 6.44 0.92 5.24
N ASP A 339 6.09 -0.06 4.41
CA ASP A 339 5.86 0.18 2.98
C ASP A 339 4.82 1.27 2.70
N SER A 340 5.06 2.05 1.65
CA SER A 340 4.17 3.14 1.25
C SER A 340 2.82 2.66 0.74
N SER A 341 2.80 1.48 0.12
CA SER A 341 1.60 0.96 -0.52
C SER A 341 0.43 0.72 0.46
N TYR A 342 0.70 0.75 1.76
CA TYR A 342 -0.36 0.64 2.77
C TYR A 342 -1.16 1.93 2.92
N LYS A 343 -0.64 3.01 2.35
CA LYS A 343 -1.36 4.28 2.32
C LYS A 343 -2.02 4.44 0.95
N GLN A 344 -3.34 4.57 0.94
CA GLN A 344 -4.08 4.81 -0.30
C GLN A 344 -3.98 6.27 -0.73
N GLN A 345 -3.55 6.51 -1.96
CA GLN A 345 -3.25 7.85 -2.45
C GLN A 345 -4.36 8.47 -3.32
N GLU A 346 -5.42 7.71 -3.58
CA GLU A 346 -6.54 8.16 -4.41
C GLU A 346 -7.86 8.01 -3.66
N GLY A 347 -8.79 8.94 -3.92
CA GLY A 347 -10.11 8.94 -3.27
C GLY A 347 -10.01 8.99 -1.76
N TRP A 348 -10.52 7.96 -1.10
CA TRP A 348 -10.42 7.83 0.35
C TRP A 348 -8.99 7.44 0.75
N ARG A 349 -8.31 8.38 1.39
CA ARG A 349 -6.87 8.25 1.63
C ARG A 349 -6.55 7.68 3.01
N TYR A 350 -7.02 6.47 3.26
CA TYR A 350 -6.79 5.79 4.54
C TYR A 350 -5.40 5.17 4.60
N HIS A 351 -4.92 4.92 5.82
CA HIS A 351 -3.69 4.17 6.02
C HIS A 351 -4.03 2.80 6.60
N ALA A 352 -3.75 1.76 5.82
CA ALA A 352 -4.12 0.39 6.20
C ALA A 352 -3.54 -0.07 7.53
N ARG A 353 -2.32 0.36 7.84
CA ARG A 353 -1.67 -0.04 9.09
C ARG A 353 -2.42 0.48 10.31
N ASP A 354 -2.71 1.78 10.32
CA ASP A 354 -3.41 2.41 11.42
C ASP A 354 -4.78 1.78 11.63
N LEU A 355 -5.54 1.64 10.55
CA LEU A 355 -6.86 1.02 10.62
C LEU A 355 -6.78 -0.43 11.09
N ALA A 356 -5.76 -1.16 10.66
CA ALA A 356 -5.56 -2.53 11.11
C ALA A 356 -5.34 -2.59 12.62
N VAL A 357 -4.49 -1.70 13.14
CA VAL A 357 -4.29 -1.55 14.58
C VAL A 357 -5.62 -1.23 15.27
N TRP A 358 -6.39 -0.31 14.67
CA TRP A 358 -7.73 0.01 15.18
C TRP A 358 -8.62 -1.24 15.19
N ARG A 359 -8.61 -1.99 14.10
CA ARG A 359 -9.42 -3.20 14.01
C ARG A 359 -8.99 -4.24 15.05
N ALA A 360 -7.68 -4.38 15.26
CA ALA A 360 -7.16 -5.31 16.26
C ALA A 360 -7.60 -4.94 17.68
N HIS A 361 -7.64 -3.65 17.97
CA HIS A 361 -8.09 -3.15 19.26
C HIS A 361 -9.56 -3.50 19.53
N SER A 362 -10.44 -3.17 18.59
CA SER A 362 -11.88 -3.40 18.76
C SER A 362 -12.23 -4.89 18.84
N GLU A 363 -11.54 -5.70 18.05
CA GLU A 363 -11.73 -7.15 18.09
C GLU A 363 -11.01 -7.82 19.26
N GLN A 364 -10.13 -7.05 19.92
CA GLN A 364 -9.26 -7.53 21.00
C GLN A 364 -8.41 -8.73 20.57
N ILE A 365 -7.63 -8.53 19.51
CA ILE A 365 -6.71 -9.54 19.00
C ILE A 365 -5.30 -8.96 18.81
N PRO A 366 -4.26 -9.82 18.79
CA PRO A 366 -2.93 -9.34 18.46
C PRO A 366 -2.78 -8.86 17.02
N ILE A 367 -1.97 -7.82 16.83
CA ILE A 367 -1.50 -7.44 15.50
C ILE A 367 0.01 -7.41 15.53
N ILE A 368 0.62 -8.01 14.50
CA ILE A 368 2.06 -8.13 14.43
C ILE A 368 2.55 -7.35 13.22
N LEU A 369 3.33 -6.31 13.49
CA LEU A 369 3.88 -5.45 12.45
C LEU A 369 5.33 -5.82 12.26
N GLY A 370 5.69 -6.26 11.06
CA GLY A 370 7.04 -6.76 10.80
C GLY A 370 7.80 -5.91 9.81
N SER A 371 9.03 -5.55 10.19
CA SER A 371 9.91 -4.76 9.35
C SER A 371 11.36 -4.89 9.79
N ALA A 372 12.26 -4.86 8.81
CA ALA A 372 13.70 -4.76 9.07
C ALA A 372 14.08 -3.29 9.23
N THR A 373 13.19 -2.40 8.82
CA THR A 373 13.42 -0.95 8.88
C THR A 373 12.13 -0.25 9.26
N PRO A 374 11.73 -0.33 10.54
CA PRO A 374 10.39 0.14 10.94
C PRO A 374 10.21 1.64 10.72
N ALA A 375 9.00 2.03 10.35
CA ALA A 375 8.65 3.44 10.24
C ALA A 375 8.95 4.17 11.54
N LEU A 376 9.27 5.47 11.45
CA LEU A 376 9.51 6.26 12.65
C LEU A 376 8.27 6.35 13.54
N GLU A 377 7.09 6.41 12.91
CA GLU A 377 5.80 6.35 13.61
C GLU A 377 5.74 5.12 14.51
N THR A 378 6.25 4.01 14.00
CA THR A 378 6.20 2.71 14.67
C THR A 378 7.22 2.63 15.82
N LEU A 379 8.43 3.11 15.57
CA LEU A 379 9.45 3.15 16.61
C LEU A 379 9.09 4.09 17.76
N HIS A 380 8.43 5.19 17.43
CA HIS A 380 7.90 6.13 18.41
C HIS A 380 6.87 5.43 19.29
N ASN A 381 5.93 4.73 18.66
CA ASN A 381 4.89 3.97 19.35
C ASN A 381 5.46 2.92 20.31
N VAL A 382 6.60 2.33 19.95
CA VAL A 382 7.28 1.34 20.80
C VAL A 382 7.95 2.03 21.98
N ARG A 383 8.58 3.17 21.72
CA ARG A 383 9.25 3.97 22.74
C ARG A 383 8.25 4.44 23.79
N GLN A 384 7.06 4.80 23.33
CA GLN A 384 5.95 5.08 24.22
C GLN A 384 5.24 3.76 24.54
N GLY A 385 4.10 3.81 25.21
CA GLY A 385 3.43 2.58 25.62
C GLY A 385 2.72 1.79 24.53
N LYS A 386 2.52 2.40 23.37
CA LYS A 386 1.57 1.91 22.36
C LYS A 386 1.86 0.52 21.79
N TYR A 387 3.10 0.27 21.36
CA TYR A 387 3.47 -1.04 20.83
C TYR A 387 4.54 -1.68 21.69
N ARG A 388 4.62 -3.01 21.63
CA ARG A 388 5.68 -3.77 22.28
C ARG A 388 6.62 -4.34 21.22
N GLN A 389 7.93 -4.25 21.47
CA GLN A 389 8.91 -4.75 20.53
C GLN A 389 9.42 -6.15 20.86
N LEU A 390 9.45 -7.01 19.85
CA LEU A 390 10.16 -8.28 19.88
C LEU A 390 11.24 -8.19 18.81
N THR A 391 12.49 -8.41 19.22
CA THR A 391 13.62 -8.23 18.31
C THR A 391 14.26 -9.57 17.88
N LEU A 392 14.75 -9.60 16.65
CA LEU A 392 15.48 -10.75 16.13
C LEU A 392 16.83 -10.33 15.55
N SER A 393 17.88 -11.03 15.95
CA SER A 393 19.21 -10.85 15.36
C SER A 393 19.53 -12.05 14.47
N LYS A 394 20.77 -12.12 13.99
CA LYS A 394 21.25 -13.22 13.13
C LYS A 394 20.52 -13.27 11.78
N PRO A 401 29.46 -10.65 4.81
CA PRO A 401 29.69 -9.21 4.98
C PRO A 401 29.51 -8.43 3.67
N ALA A 402 29.34 -7.11 3.78
CA ALA A 402 29.22 -6.24 2.62
C ALA A 402 30.01 -4.95 2.81
N GLN A 403 30.98 -4.72 1.92
CA GLN A 403 31.86 -3.54 2.01
C GLN A 403 31.23 -2.33 1.34
N GLN A 404 31.29 -1.19 2.02
CA GLN A 404 30.66 0.03 1.53
C GLN A 404 31.61 1.22 1.40
N HIS A 405 31.49 1.93 0.28
CA HIS A 405 32.32 3.08 -0.01
C HIS A 405 31.46 4.34 -0.15
N VAL A 406 31.99 5.47 0.33
CA VAL A 406 31.34 6.76 0.15
C VAL A 406 32.22 7.62 -0.76
N LEU A 407 31.68 7.98 -1.92
CA LEU A 407 32.41 8.79 -2.89
C LEU A 407 32.00 10.26 -2.86
N ASP A 408 33.00 11.13 -2.79
CA ASP A 408 32.83 12.58 -2.77
C ASP A 408 32.68 13.09 -4.21
N LEU A 409 31.50 13.60 -4.55
CA LEU A 409 31.21 14.09 -5.90
C LEU A 409 31.82 15.46 -6.18
N LYS A 410 32.11 16.21 -5.12
CA LYS A 410 32.67 17.56 -5.23
C LYS A 410 33.80 17.65 -6.26
N GLY A 411 33.61 18.52 -7.25
CA GLY A 411 34.62 18.77 -8.29
C GLY A 411 34.87 17.65 -9.30
N GLN A 412 34.10 16.56 -9.23
CA GLN A 412 34.30 15.41 -10.12
C GLN A 412 33.56 15.59 -11.44
N PRO A 413 34.23 15.25 -12.57
CA PRO A 413 33.52 15.29 -13.84
C PRO A 413 32.64 14.06 -14.02
N LEU A 414 31.33 14.26 -14.04
CA LEU A 414 30.37 13.16 -14.09
C LEU A 414 30.00 12.74 -15.50
N GLN A 415 29.78 11.45 -15.69
CA GLN A 415 29.19 10.91 -16.90
C GLN A 415 27.99 10.07 -16.48
N ALA A 416 26.81 10.45 -16.97
CA ALA A 416 25.54 9.82 -16.58
C ALA A 416 25.34 9.88 -15.06
N GLY A 417 25.72 11.00 -14.46
CA GLY A 417 25.68 11.17 -13.01
C GLY A 417 26.66 10.28 -12.25
N LEU A 418 27.60 9.67 -12.97
CA LEU A 418 28.54 8.71 -12.37
C LEU A 418 29.96 9.25 -12.35
N SER A 419 30.58 9.17 -11.18
CA SER A 419 31.97 9.59 -11.00
C SER A 419 32.94 8.60 -11.62
N PRO A 420 34.16 9.06 -11.99
CA PRO A 420 35.22 8.19 -12.48
C PRO A 420 35.42 6.96 -11.60
N ALA A 421 35.53 7.18 -10.29
CA ALA A 421 35.76 6.11 -9.33
C ALA A 421 34.67 5.03 -9.36
N LEU A 422 33.41 5.44 -9.50
CA LEU A 422 32.30 4.49 -9.61
C LEU A 422 32.34 3.70 -10.92
N ILE A 423 32.59 4.40 -12.03
CA ILE A 423 32.66 3.78 -13.35
C ILE A 423 33.78 2.74 -13.37
N SER A 424 34.92 3.10 -12.77
CA SER A 424 36.07 2.22 -12.64
C SER A 424 35.72 0.93 -11.87
N ARG A 425 34.93 1.08 -10.80
CA ARG A 425 34.44 -0.05 -10.03
C ARG A 425 33.39 -0.83 -10.80
N MET A 426 32.55 -0.13 -11.56
CA MET A 426 31.49 -0.76 -12.35
C MET A 426 32.03 -1.71 -13.42
N ARG A 427 33.04 -1.25 -14.16
CA ARG A 427 33.67 -2.05 -15.22
C ARG A 427 34.39 -3.28 -14.69
N GLN A 428 34.98 -3.15 -13.51
CA GLN A 428 35.68 -4.25 -12.85
C GLN A 428 34.69 -5.33 -12.38
N HIS A 429 33.42 -4.95 -12.25
CA HIS A 429 32.36 -5.91 -11.91
C HIS A 429 31.73 -6.50 -13.17
N LEU A 430 31.60 -5.68 -14.21
CA LEU A 430 30.96 -6.08 -15.45
C LEU A 430 31.84 -7.01 -16.30
N GLN A 431 33.14 -6.71 -16.37
CA GLN A 431 34.08 -7.56 -17.09
C GLN A 431 34.35 -8.88 -16.35
N ALA A 432 33.91 -8.94 -15.10
CA ALA A 432 33.91 -10.19 -14.32
C ALA A 432 32.59 -10.95 -14.50
N ASP A 433 31.76 -10.44 -15.42
CA ASP A 433 30.48 -11.05 -15.82
C ASP A 433 29.40 -10.99 -14.73
N ASN A 434 29.45 -9.96 -13.91
CA ASN A 434 28.46 -9.77 -12.83
C ASN A 434 27.48 -8.63 -13.10
N GLN A 435 26.39 -8.60 -12.34
CA GLN A 435 25.37 -7.57 -12.47
C GLN A 435 25.59 -6.39 -11.51
N VAL A 436 25.09 -5.23 -11.89
CA VAL A 436 25.20 -4.00 -11.09
C VAL A 436 23.85 -3.29 -11.04
N ILE A 437 23.41 -2.93 -9.83
CA ILE A 437 22.19 -2.14 -9.66
C ILE A 437 22.49 -0.67 -9.36
N LEU A 438 21.81 0.22 -10.07
CA LEU A 438 21.83 1.64 -9.75
C LEU A 438 20.47 2.05 -9.23
N PHE A 439 20.45 2.83 -8.15
CA PHE A 439 19.19 3.35 -7.58
C PHE A 439 19.07 4.87 -7.73
N LEU A 440 17.86 5.30 -8.07
CA LEU A 440 17.54 6.72 -8.29
C LEU A 440 16.32 7.15 -7.50
N ASN A 441 16.04 8.46 -7.52
CA ASN A 441 14.92 9.04 -6.78
C ASN A 441 13.64 9.22 -7.61
N ARG A 442 13.10 8.10 -8.08
CA ARG A 442 11.85 8.07 -8.86
C ARG A 442 11.78 9.16 -9.95
N ARG A 443 10.62 9.79 -10.08
CA ARG A 443 10.39 10.83 -11.08
C ARG A 443 9.28 11.80 -10.65
N GLY A 444 9.44 13.07 -11.03
CA GLY A 444 8.44 14.09 -10.75
C GLY A 444 8.73 14.94 -9.52
N PHE A 445 9.59 14.41 -8.63
CA PHE A 445 9.96 15.11 -7.40
C PHE A 445 10.79 16.36 -7.66
N ALA A 446 10.42 17.45 -6.99
CA ALA A 446 11.10 18.72 -7.15
C ALA A 446 12.41 18.76 -6.37
N PRO A 447 13.50 19.22 -7.03
CA PRO A 447 14.86 19.08 -6.51
C PRO A 447 15.35 20.24 -5.64
N ALA A 448 16.51 20.02 -5.01
CA ALA A 448 17.25 21.08 -4.33
C ALA A 448 18.38 21.53 -5.25
N LEU A 449 18.99 22.66 -4.93
CA LEU A 449 20.07 23.22 -5.74
C LEU A 449 21.36 23.33 -4.93
N LEU A 450 22.43 22.73 -5.44
CA LEU A 450 23.74 22.88 -4.81
C LEU A 450 24.88 23.09 -5.81
N CYS A 451 25.98 23.65 -5.31
CA CYS A 451 27.17 23.83 -6.11
C CYS A 451 27.97 22.53 -6.19
N HIS A 452 28.18 22.06 -7.41
CA HIS A 452 28.93 20.84 -7.67
C HIS A 452 30.38 20.90 -7.20
N ASP A 453 30.94 22.11 -7.13
CA ASP A 453 32.34 22.28 -6.77
C ASP A 453 32.65 22.40 -5.28
N CYS A 454 31.90 23.26 -4.57
CA CYS A 454 32.14 23.49 -3.15
C CYS A 454 31.07 22.92 -2.22
N GLY A 455 29.96 22.46 -2.78
CA GLY A 455 28.91 21.81 -1.98
C GLY A 455 27.94 22.74 -1.29
N TRP A 456 28.03 24.03 -1.59
CA TRP A 456 27.07 25.03 -1.11
C TRP A 456 25.64 24.63 -1.48
N ILE A 457 24.73 24.71 -0.52
CA ILE A 457 23.30 24.44 -0.75
C ILE A 457 22.48 25.71 -0.60
N ALA A 458 21.51 25.92 -1.50
CA ALA A 458 20.60 27.06 -1.42
C ALA A 458 19.64 26.93 -0.25
N GLU A 459 19.92 27.66 0.82
CA GLU A 459 19.06 27.70 1.99
C GLU A 459 18.27 28.99 2.02
N CYS A 460 17.05 28.92 2.56
CA CYS A 460 16.23 30.09 2.80
C CYS A 460 16.84 30.91 3.93
N PRO A 461 16.95 32.25 3.74
CA PRO A 461 17.57 33.10 4.76
C PRO A 461 16.76 33.24 6.05
N ARG A 462 15.42 33.25 5.93
CA ARG A 462 14.54 33.39 7.08
C ARG A 462 14.54 32.13 7.95
N CYS A 463 14.05 31.03 7.40
CA CYS A 463 14.11 29.75 8.10
C CYS A 463 15.22 28.90 7.51
N ASP A 464 15.99 28.24 8.39
CA ASP A 464 16.96 27.26 7.92
C ASP A 464 16.16 26.13 7.28
N SER A 465 15.96 26.26 5.97
CA SER A 465 15.25 25.28 5.16
C SER A 465 15.80 25.37 3.75
N TYR A 466 15.90 24.22 3.09
CA TYR A 466 16.46 24.17 1.75
C TYR A 466 15.47 24.68 0.72
N TYR A 467 15.96 25.47 -0.22
CA TYR A 467 15.13 25.98 -1.30
C TYR A 467 14.76 24.85 -2.26
N THR A 468 13.52 24.84 -2.69
CA THR A 468 13.09 23.92 -3.73
C THR A 468 13.25 24.59 -5.09
N LEU A 469 13.94 23.92 -6.00
CA LEU A 469 14.19 24.44 -7.32
C LEU A 469 13.00 24.24 -8.25
N HIS A 470 12.59 25.34 -8.89
CA HIS A 470 11.49 25.30 -9.87
C HIS A 470 11.96 25.93 -11.17
N GLN A 471 12.71 25.15 -11.96
CA GLN A 471 13.33 25.62 -13.20
C GLN A 471 12.30 25.96 -14.28
N ALA A 472 11.15 25.29 -14.24
CA ALA A 472 10.04 25.59 -15.15
C ALA A 472 9.39 26.92 -14.80
N GLN A 473 9.50 27.33 -13.53
CA GLN A 473 8.99 28.61 -13.06
C GLN A 473 10.08 29.66 -12.87
N HIS A 474 11.32 29.28 -13.18
CA HIS A 474 12.49 30.18 -13.17
C HIS A 474 12.83 30.80 -11.82
N HIS A 475 12.56 30.08 -10.73
CA HIS A 475 12.86 30.57 -9.38
C HIS A 475 13.09 29.46 -8.35
N LEU A 476 13.68 29.85 -7.22
CA LEU A 476 13.81 29.00 -6.04
C LEU A 476 12.72 29.40 -5.03
N ARG A 477 12.04 28.41 -4.48
CA ARG A 477 10.94 28.66 -3.55
C ARG A 477 11.08 27.87 -2.26
N CYS A 478 10.87 28.56 -1.14
CA CYS A 478 10.84 27.91 0.17
C CYS A 478 9.48 27.25 0.40
N HIS A 479 9.47 26.19 1.22
CA HIS A 479 8.23 25.45 1.50
C HIS A 479 7.85 25.45 2.98
N HIS A 480 8.83 25.64 3.86
CA HIS A 480 8.56 25.79 5.30
C HIS A 480 8.00 27.18 5.59
N CYS A 481 8.51 28.17 4.86
CA CYS A 481 7.86 29.48 4.79
C CYS A 481 7.58 29.78 3.31
N ASP A 482 7.23 31.02 2.99
CA ASP A 482 6.90 31.39 1.62
C ASP A 482 7.77 32.54 1.13
N SER A 483 8.94 32.20 0.59
CA SER A 483 9.88 33.20 0.08
C SER A 483 10.26 32.98 -1.38
N GLN A 484 10.31 34.07 -2.13
CA GLN A 484 10.64 34.04 -3.55
C GLN A 484 12.07 34.54 -3.77
N ARG A 485 12.82 33.79 -4.58
CA ARG A 485 14.18 34.17 -4.95
C ARG A 485 14.50 33.62 -6.35
N PRO A 486 15.12 34.46 -7.21
CA PRO A 486 15.51 33.97 -8.54
C PRO A 486 16.69 32.99 -8.49
N ILE A 487 16.79 32.14 -9.51
CA ILE A 487 17.88 31.17 -9.62
C ILE A 487 19.19 31.89 -9.90
N PRO A 488 20.20 31.70 -9.02
CA PRO A 488 21.52 32.30 -9.25
C PRO A 488 22.23 31.62 -10.42
N ARG A 489 22.98 32.39 -11.20
CA ARG A 489 23.72 31.84 -12.33
C ARG A 489 25.02 31.19 -11.84
N GLN A 490 25.59 31.75 -10.78
CA GLN A 490 26.79 31.19 -10.17
C GLN A 490 26.65 31.04 -8.66
N CYS A 491 27.37 30.06 -8.11
CA CYS A 491 27.47 29.84 -6.69
C CYS A 491 28.00 31.09 -6.00
N PRO A 492 27.24 31.63 -5.03
CA PRO A 492 27.69 32.85 -4.35
C PRO A 492 28.84 32.57 -3.38
N SER A 493 29.07 31.30 -3.07
CA SER A 493 30.11 30.93 -2.11
C SER A 493 31.49 30.83 -2.74
N CYS A 494 31.58 30.22 -3.92
CA CYS A 494 32.89 29.98 -4.56
C CYS A 494 33.03 30.52 -5.99
N GLY A 495 31.94 31.01 -6.57
CA GLY A 495 31.97 31.63 -7.90
C GLY A 495 31.74 30.70 -9.08
N SER A 496 31.60 29.41 -8.78
CA SER A 496 31.40 28.39 -9.82
C SER A 496 30.04 28.50 -10.51
N THR A 497 30.03 28.24 -11.81
CA THR A 497 28.78 28.25 -12.58
C THR A 497 28.09 26.89 -12.51
N HIS A 498 28.82 25.88 -12.02
CA HIS A 498 28.35 24.51 -12.00
C HIS A 498 27.37 24.24 -10.84
N LEU A 499 26.24 24.95 -10.85
CA LEU A 499 25.16 24.68 -9.92
C LEU A 499 24.29 23.56 -10.50
N VAL A 500 24.05 22.52 -9.70
CA VAL A 500 23.33 21.35 -10.18
C VAL A 500 22.05 21.08 -9.39
N PRO A 501 21.01 20.56 -10.08
CA PRO A 501 19.81 20.08 -9.38
C PRO A 501 19.99 18.65 -8.86
N VAL A 502 19.63 18.43 -7.59
CA VAL A 502 19.78 17.09 -6.99
C VAL A 502 18.42 16.46 -6.71
N GLY A 503 18.26 15.22 -7.19
CA GLY A 503 16.99 14.51 -7.09
C GLY A 503 16.32 14.35 -8.44
N ILE A 504 17.12 14.29 -9.50
CA ILE A 504 16.62 14.08 -10.86
C ILE A 504 17.23 12.79 -11.43
N GLY A 505 16.37 11.84 -11.76
CA GLY A 505 16.80 10.55 -12.31
C GLY A 505 15.91 10.02 -13.43
N THR A 506 15.05 10.89 -13.95
CA THR A 506 14.12 10.54 -15.02
C THR A 506 14.66 10.84 -16.41
N GLU A 507 15.87 11.40 -16.46
CA GLU A 507 16.49 11.85 -17.71
C GLU A 507 17.03 10.70 -18.57
N GLN A 508 16.24 9.62 -18.66
CA GLN A 508 16.59 8.42 -19.45
C GLN A 508 18.07 8.08 -19.39
N LEU A 509 18.49 7.56 -18.24
CA LEU A 509 19.89 7.27 -17.95
C LEU A 509 20.55 6.32 -18.96
N GLU A 510 19.76 5.40 -19.50
CA GLU A 510 20.25 4.42 -20.49
C GLU A 510 20.81 5.06 -21.76
N GLN A 511 20.24 6.20 -22.16
CA GLN A 511 20.70 6.96 -23.32
C GLN A 511 22.14 7.44 -23.14
N ALA A 512 22.55 7.64 -21.89
CA ALA A 512 23.92 8.02 -21.56
C ALA A 512 24.75 6.82 -21.08
N LEU A 513 24.06 5.75 -20.67
CA LEU A 513 24.72 4.53 -20.18
C LEU A 513 25.18 3.61 -21.32
N ALA A 514 24.41 3.58 -22.41
CA ALA A 514 24.74 2.74 -23.57
C ALA A 514 26.10 3.08 -24.20
N PRO A 515 26.38 4.38 -24.46
CA PRO A 515 27.69 4.75 -24.99
C PRO A 515 28.81 4.69 -23.96
N LEU A 516 28.47 4.71 -22.68
CA LEU A 516 29.46 4.57 -21.61
C LEU A 516 29.77 3.10 -21.32
N PHE A 517 28.80 2.22 -21.57
CA PHE A 517 28.99 0.78 -21.41
C PHE A 517 28.54 0.05 -22.68
N PRO A 518 29.48 -0.12 -23.65
CA PRO A 518 29.18 -0.66 -24.97
C PRO A 518 28.63 -2.09 -24.96
N GLU A 519 27.45 -2.25 -25.57
CA GLU A 519 26.79 -3.55 -25.78
C GLU A 519 26.34 -4.28 -24.51
N VAL A 520 26.49 -3.62 -23.35
CA VAL A 520 25.99 -4.16 -22.08
C VAL A 520 24.49 -3.90 -21.99
N PRO A 521 23.69 -4.96 -21.72
CA PRO A 521 22.24 -4.81 -21.64
C PRO A 521 21.77 -4.00 -20.43
N ILE A 522 20.80 -3.11 -20.66
CA ILE A 522 20.27 -2.22 -19.64
C ILE A 522 18.78 -2.50 -19.47
N SER A 523 18.37 -2.76 -18.22
CA SER A 523 16.97 -3.06 -17.91
C SER A 523 16.48 -2.41 -16.61
N ARG A 524 15.17 -2.23 -16.50
CA ARG A 524 14.54 -1.60 -15.33
C ARG A 524 13.90 -2.62 -14.40
N ILE A 525 14.12 -2.45 -13.10
CA ILE A 525 13.53 -3.31 -12.08
C ILE A 525 12.08 -2.95 -11.78
N ASP A 526 11.79 -1.64 -11.76
CA ASP A 526 10.50 -1.10 -11.34
C ASP A 526 9.29 -1.83 -11.92
N ARG A 527 8.35 -2.18 -11.05
CA ARG A 527 7.19 -3.00 -11.40
C ARG A 527 6.07 -2.17 -12.02
N HIS A 539 8.81 -11.91 -18.76
CA HIS A 539 9.47 -11.26 -19.89
C HIS A 539 10.89 -10.84 -19.56
N LEU A 540 11.10 -10.37 -18.33
CA LEU A 540 12.42 -9.92 -17.87
C LEU A 540 13.18 -11.03 -17.14
N ALA A 541 13.11 -12.24 -17.69
CA ALA A 541 13.85 -13.38 -17.16
C ALA A 541 15.32 -13.37 -17.61
N ALA A 542 15.68 -12.34 -18.38
CA ALA A 542 17.05 -12.11 -18.83
C ALA A 542 17.96 -11.71 -17.67
N VAL A 543 17.35 -11.27 -16.58
CA VAL A 543 18.08 -10.93 -15.35
C VAL A 543 18.59 -12.20 -14.66
N HIS A 544 17.79 -13.26 -14.74
CA HIS A 544 18.14 -14.55 -14.13
C HIS A 544 19.27 -15.26 -14.90
N ARG A 545 19.51 -14.84 -16.14
CA ARG A 545 20.57 -15.40 -16.97
C ARG A 545 21.97 -15.09 -16.44
N GLY A 546 22.07 -14.05 -15.61
CA GLY A 546 23.36 -13.59 -15.11
C GLY A 546 24.11 -12.82 -16.17
N GLY A 547 25.42 -12.76 -16.03
CA GLY A 547 26.28 -12.06 -16.99
C GLY A 547 26.27 -10.55 -16.77
N ALA A 548 27.14 -9.86 -17.51
CA ALA A 548 27.24 -8.41 -17.46
C ALA A 548 25.90 -7.74 -17.77
N ARG A 549 25.43 -6.93 -16.83
CA ARG A 549 24.15 -6.24 -16.94
C ARG A 549 24.07 -5.09 -15.95
N ILE A 550 23.43 -4.00 -16.36
CA ILE A 550 23.18 -2.86 -15.48
C ILE A 550 21.67 -2.76 -15.24
N LEU A 551 21.29 -2.80 -13.96
CA LEU A 551 19.89 -2.77 -13.55
C LEU A 551 19.53 -1.45 -12.90
N ILE A 552 18.41 -0.87 -13.33
CA ILE A 552 17.97 0.43 -12.81
C ILE A 552 16.71 0.29 -11.97
N GLY A 553 16.77 0.79 -10.75
CA GLY A 553 15.62 0.80 -9.84
C GLY A 553 15.40 2.14 -9.19
N THR A 554 14.15 2.43 -8.85
CA THR A 554 13.80 3.67 -8.16
C THR A 554 13.12 3.40 -6.82
N GLN A 555 12.55 2.19 -6.68
CA GLN A 555 11.84 1.81 -5.47
C GLN A 555 12.47 0.61 -4.77
N MET A 556 12.04 0.36 -3.53
CA MET A 556 12.50 -0.78 -2.75
C MET A 556 12.02 -2.10 -3.35
N LEU A 557 12.82 -3.13 -3.16
CA LEU A 557 12.59 -4.44 -3.77
C LEU A 557 11.54 -5.28 -3.02
N ALA A 558 10.85 -6.14 -3.76
CA ALA A 558 9.85 -7.03 -3.18
C ALA A 558 10.50 -8.04 -2.24
N LYS A 559 9.77 -8.46 -1.22
CA LYS A 559 10.25 -9.44 -0.25
C LYS A 559 10.53 -10.78 -0.94
N GLY A 560 11.67 -11.38 -0.60
CA GLY A 560 12.06 -12.68 -1.15
C GLY A 560 12.61 -12.59 -2.56
N HIS A 561 12.23 -11.53 -3.29
CA HIS A 561 12.71 -11.28 -4.63
C HIS A 561 14.17 -10.84 -4.59
N HIS A 562 15.04 -11.71 -5.08
CA HIS A 562 16.49 -11.54 -4.94
C HIS A 562 17.20 -11.41 -6.28
N PHE A 563 18.35 -10.75 -6.26
CA PHE A 563 19.23 -10.65 -7.42
C PHE A 563 20.59 -11.24 -7.06
N PRO A 564 20.75 -12.57 -7.21
CA PRO A 564 21.97 -13.27 -6.78
C PRO A 564 23.22 -12.91 -7.59
N ASP A 565 23.03 -12.46 -8.83
CA ASP A 565 24.14 -12.16 -9.72
C ASP A 565 24.65 -10.72 -9.57
N VAL A 566 23.97 -9.95 -8.73
CA VAL A 566 24.37 -8.57 -8.43
C VAL A 566 25.44 -8.56 -7.35
N THR A 567 26.60 -7.99 -7.67
CA THR A 567 27.71 -7.88 -6.73
C THR A 567 28.05 -6.43 -6.40
N LEU A 568 27.51 -5.50 -7.19
CA LEU A 568 27.70 -4.07 -6.96
C LEU A 568 26.39 -3.31 -6.97
N VAL A 569 26.14 -2.59 -5.88
CA VAL A 569 24.95 -1.76 -5.76
C VAL A 569 25.36 -0.31 -5.50
N SER A 570 24.91 0.59 -6.37
CA SER A 570 25.20 2.00 -6.19
C SER A 570 23.94 2.83 -6.00
N LEU A 571 23.94 3.62 -4.93
CA LEU A 571 22.85 4.52 -4.64
C LEU A 571 23.22 5.90 -5.17
N LEU A 572 22.59 6.26 -6.28
CA LEU A 572 22.82 7.56 -6.90
C LEU A 572 21.90 8.60 -6.27
N ASP A 573 22.37 9.84 -6.26
CA ASP A 573 21.64 10.98 -5.68
C ASP A 573 21.27 10.77 -4.20
N VAL A 574 22.30 10.65 -3.37
CA VAL A 574 22.13 10.64 -1.92
C VAL A 574 21.73 12.05 -1.48
N ASP A 575 22.21 13.05 -2.23
CA ASP A 575 21.91 14.45 -1.98
C ASP A 575 20.42 14.78 -2.08
N GLY A 576 19.76 14.19 -3.07
CA GLY A 576 18.32 14.34 -3.25
C GLY A 576 17.53 13.96 -2.01
N ALA A 577 17.99 12.92 -1.32
CA ALA A 577 17.37 12.46 -0.09
C ALA A 577 17.74 13.32 1.11
N LEU A 578 18.99 13.77 1.16
CA LEU A 578 19.48 14.55 2.30
C LEU A 578 19.02 16.01 2.31
N PHE A 579 18.68 16.54 1.14
CA PHE A 579 18.36 17.97 1.01
C PHE A 579 16.99 18.24 0.38
N SER A 580 16.13 17.24 0.41
CA SER A 580 14.75 17.35 -0.05
C SER A 580 13.92 18.30 0.83
N ALA A 581 12.89 18.89 0.23
CA ALA A 581 11.93 19.71 0.97
C ALA A 581 10.99 18.82 1.78
N ASP A 582 10.87 17.56 1.35
CA ASP A 582 10.13 16.54 2.08
C ASP A 582 10.98 16.05 3.26
N PHE A 583 10.45 16.21 4.46
CA PHE A 583 11.17 15.85 5.68
C PHE A 583 11.31 14.35 5.92
N ARG A 584 10.63 13.55 5.10
CA ARG A 584 10.65 12.09 5.23
C ARG A 584 11.62 11.40 4.27
N SER A 585 12.27 12.19 3.43
CA SER A 585 13.20 11.67 2.42
C SER A 585 14.39 10.89 2.99
N ALA A 586 14.90 11.35 4.12
CA ALA A 586 16.00 10.66 4.79
C ALA A 586 15.56 9.28 5.29
N GLU A 587 14.34 9.22 5.83
CA GLU A 587 13.74 7.98 6.30
C GLU A 587 13.65 6.95 5.17
N ARG A 588 13.10 7.36 4.03
CA ARG A 588 12.92 6.50 2.87
C ARG A 588 14.25 6.00 2.31
N PHE A 589 15.23 6.90 2.28
CA PHE A 589 16.57 6.56 1.84
C PHE A 589 17.22 5.56 2.79
N ALA A 590 17.14 5.83 4.09
CA ALA A 590 17.67 4.93 5.11
C ALA A 590 17.08 3.54 4.98
N GLN A 591 15.79 3.46 4.65
CA GLN A 591 15.11 2.19 4.44
C GLN A 591 15.63 1.49 3.18
N LEU A 592 15.65 2.23 2.07
CA LEU A 592 16.18 1.74 0.80
C LEU A 592 17.61 1.24 0.95
N TYR A 593 18.48 2.07 1.52
CA TYR A 593 19.87 1.70 1.75
C TYR A 593 19.99 0.42 2.57
N THR A 594 19.25 0.35 3.68
CA THR A 594 19.32 -0.81 4.58
C THR A 594 18.79 -2.09 3.94
N GLN A 595 17.74 -1.98 3.12
CA GLN A 595 17.24 -3.14 2.37
C GLN A 595 18.31 -3.67 1.42
N VAL A 596 18.79 -2.79 0.55
CA VAL A 596 19.72 -3.17 -0.50
C VAL A 596 21.13 -3.48 0.03
N SER A 597 21.36 -3.15 1.30
CA SER A 597 22.62 -3.47 1.96
C SER A 597 22.75 -4.96 2.23
N GLY A 598 21.62 -5.68 2.20
CA GLY A 598 21.60 -7.12 2.40
C GLY A 598 21.02 -7.90 1.22
N ARG A 599 21.34 -7.45 0.00
CA ARG A 599 20.86 -8.11 -1.22
C ARG A 599 21.89 -8.14 -2.36
N ALA A 600 23.10 -7.68 -2.06
CA ALA A 600 24.18 -7.69 -3.05
C ALA A 600 24.85 -9.08 -3.11
N GLY A 601 24.09 -10.05 -3.62
CA GLY A 601 24.59 -11.43 -3.79
C GLY A 601 24.78 -12.17 -2.49
N ARG A 602 23.69 -12.30 -1.72
CA ARG A 602 23.71 -12.91 -0.38
C ARG A 602 24.45 -14.24 -0.30
N ALA A 603 25.31 -14.36 0.71
CA ALA A 603 26.10 -15.55 1.02
C ALA A 603 27.13 -15.94 -0.06
N GLY A 604 26.68 -16.03 -1.31
CA GLY A 604 27.49 -16.49 -2.43
C GLY A 604 28.74 -15.69 -2.70
N LYS A 605 28.57 -14.43 -3.08
CA LYS A 605 29.69 -13.56 -3.47
C LYS A 605 29.80 -12.31 -2.60
N GLN A 606 30.99 -11.72 -2.58
CA GLN A 606 31.25 -10.49 -1.81
C GLN A 606 30.62 -9.28 -2.49
N GLY A 607 29.61 -8.71 -1.82
CA GLY A 607 28.87 -7.57 -2.34
C GLY A 607 29.54 -6.23 -2.03
N GLU A 608 29.24 -5.24 -2.86
CA GLU A 608 29.81 -3.91 -2.71
C GLU A 608 28.74 -2.84 -2.86
N VAL A 609 28.64 -1.97 -1.86
CA VAL A 609 27.70 -0.85 -1.90
C VAL A 609 28.47 0.46 -1.99
N ILE A 610 28.17 1.26 -3.01
CA ILE A 610 28.82 2.55 -3.19
C ILE A 610 27.78 3.68 -3.17
N LEU A 611 28.05 4.69 -2.35
CA LEU A 611 27.19 5.87 -2.28
C LEU A 611 27.91 7.09 -2.82
N GLN A 612 27.22 7.84 -3.67
CA GLN A 612 27.75 9.10 -4.21
C GLN A 612 27.06 10.29 -3.55
N THR A 613 27.86 11.21 -3.02
CA THR A 613 27.33 12.41 -2.37
C THR A 613 28.33 13.58 -2.36
N HIS A 614 27.80 14.80 -2.41
CA HIS A 614 28.62 16.01 -2.29
C HIS A 614 29.00 16.29 -0.84
N HIS A 615 28.28 15.69 0.11
CA HIS A 615 28.60 15.83 1.52
C HIS A 615 28.80 14.49 2.21
N PRO A 616 29.99 13.87 2.01
CA PRO A 616 30.30 12.56 2.58
C PRO A 616 30.16 12.52 4.09
N GLU A 617 30.45 13.65 4.74
CA GLU A 617 30.49 13.69 6.20
C GLU A 617 29.24 14.29 6.84
N HIS A 618 28.15 14.30 6.09
CA HIS A 618 26.82 14.63 6.61
C HIS A 618 26.53 13.75 7.82
N PRO A 619 26.21 14.36 8.99
CA PRO A 619 26.05 13.64 10.25
C PRO A 619 25.03 12.51 10.21
N LEU A 620 23.82 12.79 9.71
CA LEU A 620 22.77 11.78 9.58
C LEU A 620 23.22 10.60 8.75
N LEU A 621 23.81 10.89 7.59
CA LEU A 621 24.33 9.88 6.69
C LEU A 621 25.38 9.01 7.37
N GLN A 622 26.24 9.66 8.14
CA GLN A 622 27.34 8.99 8.83
C GLN A 622 26.83 8.00 9.87
N THR A 623 25.81 8.39 10.63
CA THR A 623 25.16 7.54 11.61
C THR A 623 24.57 6.29 10.95
N LEU A 624 23.89 6.50 9.82
CA LEU A 624 23.29 5.41 9.07
C LEU A 624 24.33 4.41 8.57
N LEU A 625 25.41 4.92 7.99
CA LEU A 625 26.42 4.07 7.38
C LEU A 625 27.23 3.24 8.37
N TYR A 626 27.54 3.82 9.52
CA TYR A 626 28.46 3.18 10.45
C TYR A 626 27.81 2.62 11.72
N LYS A 627 26.59 3.06 12.02
CA LYS A 627 25.88 2.57 13.21
C LYS A 627 24.63 1.74 12.87
N GLY A 628 24.02 2.02 11.72
CA GLY A 628 22.86 1.26 11.26
C GLY A 628 21.54 2.02 11.31
N TYR A 629 20.47 1.36 10.84
CA TYR A 629 19.15 2.00 10.74
C TYR A 629 18.60 2.46 12.08
N ASP A 630 18.69 1.62 13.11
CA ASP A 630 18.12 1.91 14.43
C ASP A 630 18.70 3.17 15.06
N ALA A 631 20.01 3.37 14.88
CA ALA A 631 20.69 4.56 15.38
C ALA A 631 20.35 5.79 14.56
N PHE A 632 20.17 5.60 13.25
CA PHE A 632 19.66 6.67 12.39
C PHE A 632 18.28 7.10 12.86
N ALA A 633 17.45 6.09 13.17
CA ALA A 633 16.07 6.31 13.55
C ALA A 633 15.95 7.09 14.85
N GLU A 634 16.78 6.71 15.82
CA GLU A 634 16.86 7.39 17.11
C GLU A 634 17.17 8.88 16.94
N GLN A 635 18.14 9.17 16.07
CA GLN A 635 18.59 10.54 15.81
C GLN A 635 17.58 11.30 14.95
N ALA A 636 17.04 10.63 13.93
CA ALA A 636 16.03 11.22 13.07
C ALA A 636 14.77 11.57 13.88
N LEU A 637 14.41 10.68 14.80
CA LEU A 637 13.25 10.85 15.67
C LEU A 637 13.38 12.04 16.62
N ALA A 638 14.57 12.23 17.19
CA ALA A 638 14.85 13.36 18.07
C ALA A 638 14.86 14.69 17.32
N GLU A 639 15.29 14.65 16.06
CA GLU A 639 15.25 15.82 15.17
C GLU A 639 13.82 16.17 14.76
N ARG A 640 12.96 15.15 14.67
CA ARG A 640 11.54 15.36 14.41
C ARG A 640 10.87 16.10 15.57
N GLN A 641 11.32 15.81 16.80
CA GLN A 641 10.81 16.47 18.00
C GLN A 641 11.20 17.95 18.05
N THR A 642 12.47 18.23 17.79
CA THR A 642 12.96 19.61 17.73
C THR A 642 12.18 20.40 16.69
N MET A 643 12.03 19.83 15.50
CA MET A 643 11.29 20.48 14.40
C MET A 643 9.78 20.39 14.56
N GLN A 644 9.32 19.67 15.59
CA GLN A 644 7.90 19.46 15.87
C GLN A 644 7.14 18.81 14.69
N LEU A 645 7.73 17.76 14.15
CA LEU A 645 7.18 17.06 12.99
C LEU A 645 6.64 15.68 13.37
N PRO A 646 5.77 15.09 12.51
CA PRO A 646 5.33 13.71 12.72
C PRO A 646 6.52 12.78 12.93
N PRO A 647 6.40 11.82 13.87
CA PRO A 647 5.20 11.45 14.61
C PRO A 647 4.97 12.20 15.94
N TRP A 648 5.72 13.28 16.16
CA TRP A 648 5.58 14.07 17.39
C TRP A 648 4.37 14.99 17.34
N THR A 649 3.94 15.32 16.13
CA THR A 649 2.70 16.05 15.90
C THR A 649 1.86 15.31 14.85
N SER A 650 0.65 15.78 14.62
CA SER A 650 -0.22 15.25 13.57
C SER A 650 -0.30 16.22 12.41
N HIS A 651 -0.47 15.67 11.21
CA HIS A 651 -0.53 16.47 9.98
C HIS A 651 -1.79 16.19 9.16
N VAL A 652 -2.36 17.24 8.59
CA VAL A 652 -3.44 17.13 7.62
C VAL A 652 -3.16 18.09 6.46
N LEU A 653 -3.12 17.55 5.24
CA LEU A 653 -2.97 18.37 4.05
C LEU A 653 -4.30 18.63 3.37
N ILE A 654 -4.40 19.79 2.72
CA ILE A 654 -5.54 20.13 1.88
C ILE A 654 -5.00 20.63 0.53
N ARG A 655 -5.14 19.80 -0.50
CA ARG A 655 -4.60 20.11 -1.83
C ARG A 655 -5.67 20.71 -2.73
N ALA A 656 -5.24 21.43 -3.76
CA ALA A 656 -6.14 22.04 -4.73
C ALA A 656 -5.52 22.08 -6.13
N GLU A 657 -6.32 21.70 -7.13
CA GLU A 657 -5.88 21.69 -8.52
C GLU A 657 -6.77 22.55 -9.39
N ASP A 658 -6.33 23.79 -9.62
CA ASP A 658 -7.07 24.73 -10.45
C ASP A 658 -6.32 25.00 -11.75
N HIS A 659 -7.02 24.85 -12.86
CA HIS A 659 -6.47 25.11 -14.20
C HIS A 659 -5.92 26.52 -14.28
N ASN A 660 -6.43 27.39 -13.41
CA ASN A 660 -6.13 28.81 -13.45
C ASN A 660 -4.73 29.15 -12.93
N ASN A 661 -3.94 28.12 -12.60
CA ASN A 661 -2.60 28.32 -12.05
C ASN A 661 -2.57 29.28 -10.88
N GLN A 662 -3.47 30.26 -10.92
CA GLN A 662 -3.62 31.26 -9.88
C GLN A 662 -5.02 31.12 -9.29
N GLN A 663 -5.47 32.14 -8.56
CA GLN A 663 -6.78 32.19 -7.91
C GLN A 663 -7.00 31.04 -6.92
N ALA A 664 -6.60 29.83 -7.32
CA ALA A 664 -6.62 28.64 -6.46
C ALA A 664 -5.88 28.84 -5.13
N PRO A 665 -4.69 29.48 -5.15
CA PRO A 665 -4.08 29.81 -3.86
C PRO A 665 -4.99 30.67 -2.98
N LEU A 666 -5.81 31.53 -3.60
CA LEU A 666 -6.74 32.40 -2.87
C LEU A 666 -7.87 31.63 -2.18
N PHE A 667 -8.33 30.56 -2.83
CA PHE A 667 -9.35 29.68 -2.22
C PHE A 667 -8.83 29.09 -0.92
N LEU A 668 -7.57 28.66 -0.94
CA LEU A 668 -6.90 28.13 0.24
C LEU A 668 -6.62 29.22 1.27
N GLN A 669 -6.46 30.46 0.81
CA GLN A 669 -6.30 31.61 1.68
C GLN A 669 -7.58 31.89 2.46
N GLN A 670 -8.72 31.69 1.79
CA GLN A 670 -10.04 31.82 2.43
C GLN A 670 -10.27 30.72 3.44
N LEU A 671 -9.88 29.49 3.08
CA LEU A 671 -10.00 28.32 3.95
C LEU A 671 -9.08 28.42 5.17
N ARG A 672 -7.95 29.11 5.00
CA ARG A 672 -7.00 29.33 6.09
C ARG A 672 -7.63 30.19 7.20
N ASN A 673 -8.28 31.28 6.80
CA ASN A 673 -8.91 32.21 7.73
C ASN A 673 -10.11 31.61 8.45
N LEU A 674 -10.82 30.71 7.77
CA LEU A 674 -11.93 29.97 8.34
C LEU A 674 -11.44 28.97 9.38
N LEU A 675 -10.19 28.54 9.23
CA LEU A 675 -9.56 27.59 10.14
C LEU A 675 -8.96 28.24 11.38
N GLN A 676 -8.67 29.55 11.29
CA GLN A 676 -8.03 30.29 12.38
C GLN A 676 -8.85 30.38 13.67
N ALA A 677 -9.98 31.08 13.59
CA ALA A 677 -10.78 31.42 14.77
C ALA A 677 -11.82 30.38 15.15
N SER A 678 -12.01 29.37 14.31
CA SER A 678 -12.87 28.22 14.62
C SER A 678 -12.49 27.70 16.02
N PRO A 679 -13.50 27.42 16.87
CA PRO A 679 -13.18 27.06 18.25
C PRO A 679 -12.08 26.00 18.31
N LEU A 680 -11.10 26.24 19.18
CA LEU A 680 -9.85 25.45 19.26
C LEU A 680 -8.71 26.17 18.55
N ALA A 681 -8.10 27.13 19.26
CA ALA A 681 -6.95 27.86 18.74
C ALA A 681 -5.67 27.40 19.44
N ASP A 682 -5.71 27.46 20.78
CA ASP A 682 -4.63 26.97 21.66
C ASP A 682 -3.21 27.44 21.34
N GLU A 683 -3.07 28.39 20.40
CA GLU A 683 -1.76 28.86 19.93
C GLU A 683 -0.79 27.67 19.74
N LYS A 684 -1.36 26.52 19.38
CA LYS A 684 -0.59 25.33 19.05
C LYS A 684 -0.84 24.98 17.59
N LEU A 685 -2.07 25.19 17.13
CA LEU A 685 -2.42 24.95 15.74
C LEU A 685 -1.54 25.79 14.82
N TRP A 686 -0.77 25.10 13.98
CA TRP A 686 0.17 25.75 13.09
C TRP A 686 -0.25 25.49 11.65
N VAL A 687 -0.54 26.56 10.92
CA VAL A 687 -1.03 26.46 9.56
C VAL A 687 -0.06 27.10 8.58
N LEU A 688 0.38 26.32 7.59
CA LEU A 688 1.14 26.84 6.46
C LEU A 688 0.20 27.40 5.41
N GLY A 689 0.34 28.70 5.15
CA GLY A 689 -0.43 29.38 4.11
C GLY A 689 -0.18 28.79 2.73
N PRO A 690 -1.02 29.14 1.74
CA PRO A 690 -0.97 28.56 0.39
C PRO A 690 0.44 28.50 -0.20
N VAL A 691 0.94 27.28 -0.33
CA VAL A 691 2.27 27.01 -0.90
C VAL A 691 2.09 25.95 -1.99
N PRO A 692 2.74 26.14 -3.16
CA PRO A 692 2.66 25.12 -4.22
C PRO A 692 3.21 23.78 -3.77
N ALA A 693 2.68 22.70 -4.34
CA ALA A 693 3.12 21.34 -4.02
C ALA A 693 4.53 21.07 -4.57
N LEU A 694 4.99 19.84 -4.41
CA LEU A 694 6.27 19.43 -4.99
C LEU A 694 6.09 19.19 -6.49
N ARG A 703 -0.90 22.92 -9.02
CA ARG A 703 -1.14 22.21 -7.76
C ARG A 703 -0.70 23.03 -6.56
N TRP A 704 -1.63 23.26 -5.65
CA TRP A 704 -1.37 23.99 -4.42
C TRP A 704 -1.82 23.20 -3.19
N GLN A 705 -1.41 23.66 -2.01
CA GLN A 705 -1.70 22.97 -0.74
C GLN A 705 -1.56 23.88 0.49
N ILE A 706 -2.28 23.55 1.56
CA ILE A 706 -2.04 24.12 2.89
C ILE A 706 -1.82 23.02 3.91
N LEU A 707 -1.04 23.31 4.95
CA LEU A 707 -0.64 22.31 5.93
C LEU A 707 -1.17 22.66 7.31
N LEU A 708 -1.78 21.68 7.97
CA LEU A 708 -2.26 21.86 9.35
C LEU A 708 -1.47 20.95 10.29
N GLN A 709 -1.04 21.51 11.41
CA GLN A 709 -0.20 20.80 12.36
C GLN A 709 -0.69 21.04 13.78
N HIS A 710 -0.69 19.97 14.59
CA HIS A 710 -1.14 20.05 15.97
C HIS A 710 -0.56 18.91 16.81
N PRO A 711 -0.12 19.20 18.05
CA PRO A 711 0.35 18.19 18.99
C PRO A 711 -0.66 17.08 19.28
N SER A 712 -1.95 17.42 19.28
CA SER A 712 -3.01 16.46 19.57
C SER A 712 -3.70 16.00 18.30
N ARG A 713 -3.77 14.68 18.13
CA ARG A 713 -4.43 14.05 16.98
C ARG A 713 -5.94 14.28 17.02
N VAL A 714 -6.53 14.11 18.20
CA VAL A 714 -7.97 14.24 18.42
C VAL A 714 -8.45 15.68 18.19
N ARG A 715 -7.74 16.64 18.76
CA ARG A 715 -8.09 18.06 18.62
C ARG A 715 -8.05 18.52 17.17
N LEU A 716 -7.00 18.12 16.45
CA LEU A 716 -6.87 18.47 15.03
C LEU A 716 -7.99 17.87 14.19
N GLN A 717 -8.49 16.70 14.61
CA GLN A 717 -9.62 16.05 13.96
C GLN A 717 -10.87 16.92 14.06
N HIS A 718 -11.13 17.44 15.26
CA HIS A 718 -12.31 18.26 15.51
C HIS A 718 -12.23 19.67 14.91
N ILE A 719 -11.01 20.20 14.81
CA ILE A 719 -10.77 21.48 14.14
C ILE A 719 -11.11 21.38 12.66
N VAL A 720 -10.71 20.25 12.05
CA VAL A 720 -11.04 19.98 10.65
C VAL A 720 -12.54 19.66 10.53
N SER A 721 -13.09 18.95 11.51
CA SER A 721 -14.50 18.60 11.53
C SER A 721 -15.40 19.83 11.48
N GLY A 722 -15.06 20.84 12.28
CA GLY A 722 -15.82 22.09 12.34
C GLY A 722 -15.66 22.97 11.12
N THR A 723 -14.44 23.10 10.63
CA THR A 723 -14.16 23.96 9.47
C THR A 723 -14.74 23.41 8.15
N LEU A 724 -14.92 22.10 8.09
CA LEU A 724 -15.47 21.45 6.91
C LEU A 724 -16.99 21.37 6.99
N ALA A 725 -17.51 21.41 8.21
CA ALA A 725 -18.96 21.42 8.45
C ALA A 725 -19.63 22.63 7.78
N LEU A 726 -18.97 23.78 7.85
CA LEU A 726 -19.43 24.99 7.18
C LEU A 726 -18.40 25.53 6.19
N ILE A 727 -18.75 25.50 4.90
CA ILE A 727 -17.89 26.00 3.82
C ILE A 727 -18.58 27.17 3.10
N ASN A 728 -17.88 28.31 3.03
CA ASN A 728 -18.48 29.61 2.69
C ASN A 728 -18.56 30.00 1.21
N THR A 729 -17.46 29.83 0.49
CA THR A 729 -17.40 30.13 -0.93
C THR A 729 -17.53 28.84 -1.74
N LEU A 730 -18.15 28.93 -2.92
CA LEU A 730 -18.41 27.77 -3.76
C LEU A 730 -17.11 27.19 -4.36
N PRO A 731 -16.91 25.87 -4.23
CA PRO A 731 -15.70 25.23 -4.75
C PRO A 731 -15.83 24.84 -6.22
N GLU A 732 -14.96 25.41 -7.05
CA GLU A 732 -14.86 25.06 -8.46
C GLU A 732 -13.54 24.36 -8.72
N ALA A 733 -12.54 24.68 -7.90
CA ALA A 733 -11.20 24.09 -7.99
C ALA A 733 -11.22 22.59 -7.66
N TRP A 738 -9.54 19.56 -5.41
CA TRP A 738 -9.63 19.78 -3.98
C TRP A 738 -9.78 18.47 -3.20
N VAL A 739 -8.72 18.09 -2.47
CA VAL A 739 -8.71 16.86 -1.66
C VAL A 739 -8.21 17.08 -0.23
N LEU A 740 -8.56 16.16 0.66
CA LEU A 740 -8.26 16.24 2.09
C LEU A 740 -7.44 15.01 2.49
N ASP A 741 -6.24 15.23 3.03
CA ASP A 741 -5.32 14.12 3.34
C ASP A 741 -4.85 14.12 4.79
N VAL A 742 -5.47 13.26 5.61
CA VAL A 742 -5.07 13.09 7.00
C VAL A 742 -3.92 12.09 7.09
N ASP A 743 -2.91 12.45 7.89
CA ASP A 743 -1.65 11.70 7.99
C ASP A 743 -1.03 11.45 6.62
N PRO A 744 -0.59 12.54 5.93
CA PRO A 744 -0.01 12.35 4.61
C PRO A 744 1.41 11.78 4.67
N ILE A 745 1.74 10.90 3.75
CA ILE A 745 3.11 10.40 3.64
C ILE A 745 3.86 11.20 2.57
N GLU A 746 3.14 12.15 1.97
CA GLU A 746 3.66 13.09 0.96
C GLU A 746 4.06 12.43 -0.36
N GLY A 747 4.89 11.40 -0.29
CA GLY A 747 5.38 10.70 -1.48
C GLY A 747 4.37 9.76 -2.11
PB ADP B . 12.46 -12.35 6.97
O1B ADP B . 10.95 -12.34 6.86
O2B ADP B . 13.02 -11.62 8.16
O3B ADP B . 13.17 -12.06 5.67
PA ADP B . 12.58 -15.07 6.26
O1A ADP B . 12.45 -16.36 7.04
O2A ADP B . 11.50 -14.69 5.29
O3A ADP B . 12.79 -13.88 7.32
O5' ADP B . 14.02 -15.07 5.52
C5' ADP B . 14.20 -14.56 4.20
C4' ADP B . 14.44 -15.72 3.23
O4' ADP B . 15.34 -16.67 3.80
C3' ADP B . 13.14 -16.44 2.92
O3' ADP B . 12.97 -16.56 1.50
C2' ADP B . 13.25 -17.80 3.59
O2' ADP B . 12.92 -18.86 2.68
C1' ADP B . 14.71 -17.93 4.04
N9 ADP B . 14.82 -18.28 5.49
C8 ADP B . 15.52 -17.58 6.40
N7 ADP B . 15.44 -18.16 7.64
C5 ADP B . 14.69 -19.27 7.52
C6 ADP B . 14.21 -20.33 8.43
N6 ADP B . 14.54 -20.32 9.75
N1 ADP B . 13.43 -21.31 7.91
C2 ADP B . 13.10 -21.33 6.60
N3 ADP B . 13.50 -20.39 5.72
C4 ADP B . 14.29 -19.35 6.10
ZN ZN C . 11.86 29.83 4.48
ZN ZN D . 30.49 26.80 -4.94
#